data_7OYX
#
_entry.id   7OYX
#
_cell.length_a   117.155
_cell.length_b   71.493
_cell.length_c   92.661
_cell.angle_alpha   90.000
_cell.angle_beta   90.000
_cell.angle_gamma   90.000
#
_symmetry.space_group_name_H-M   'P 21 21 2'
#
loop_
_entity.id
_entity.type
_entity.pdbx_description
1 polymer 'Putrescine-binding periplasmic protein PotF'
2 non-polymer SPERMIDINE
3 non-polymer (2~{S})-1-methoxypropan-2-amine
4 non-polymer (2~{S})-1-[(2~{R})-1-(2-methoxyethoxy)propan-2-yl]oxypropan-2-amine
5 non-polymer 'CHLORIDE ION'
6 non-polymer (2~{R})-1-(2-methoxyethoxy)propan-2-amine
7 non-polymer (2~{R})-1-[(2~{R})-1-[(2~{S})-1-[(2~{S})-1-(2-methoxyethoxy)propan-2-yl]oxypropan-2-yl]oxypropan-2-yl]oxypropan-2-amine
8 non-polymer (2~{S})-1-(2-methoxyethoxy)propan-2-amine
9 water water
#
_entity_poly.entity_id   1
_entity_poly.type   'polypeptide(L)'
_entity_poly.pdbx_seq_one_letter_code
;AEQKTLHIYNWTDYIAPDTVANFEKETGIKVVYDVFDSNEVLEGKLMAGSTGFDLVVPSASYLERQLTAGVFQPLDKSKL
PEWKNLDPELLKLVAKHDPDNKFAMPYMWATTGIGYNVDKVKAVLGENAPVDSWDLILKPENLEKLKSCGVSFLDDPEEV
FATVLNYLGKDPNSTKADDYTGPATDLLLKLRPNIRYFHSSQYINDLANGDICVAIGWAGDVWQASNRAKEAKNGVNVSF
SIPKEGAMAWFDVFAMPADAKNKDEAYQFLNYLLRPDVVAHISDHVFYANANKAATPLVSAEVRENPGIYPPADVRAKLF
TQKVQDPKIDRVRTRAWTKVKSGKLEHHHHHH
;
_entity_poly.pdbx_strand_id   A,B
#
# COMPACT_ATOMS: atom_id res chain seq x y z
N GLN A 3 18.31 -16.92 17.70
CA GLN A 3 17.35 -16.42 18.69
C GLN A 3 16.37 -15.43 18.06
N LYS A 4 15.08 -15.74 18.04
CA LYS A 4 14.14 -14.95 17.28
C LYS A 4 13.19 -14.23 18.22
N THR A 5 12.68 -13.06 17.76
N THR A 5 12.77 -13.07 17.78
CA THR A 5 11.81 -12.18 18.55
CA THR A 5 11.74 -12.34 18.44
C THR A 5 10.56 -11.76 17.77
C THR A 5 10.45 -12.45 17.64
N LEU A 6 9.39 -12.07 18.32
CA LEU A 6 8.10 -11.90 17.69
C LEU A 6 7.45 -10.67 18.30
N HIS A 7 6.98 -9.78 17.44
CA HIS A 7 6.34 -8.54 17.88
C HIS A 7 4.84 -8.60 17.63
N ILE A 8 4.06 -8.50 18.71
CA ILE A 8 2.60 -8.61 18.65
C ILE A 8 1.96 -7.34 19.18
N TYR A 9 0.91 -6.87 18.50
CA TYR A 9 0.16 -5.67 18.86
C TYR A 9 -1.29 -6.07 19.00
N ASN A 10 -1.79 -6.07 20.24
CA ASN A 10 -3.13 -6.51 20.55
C ASN A 10 -3.85 -5.46 21.38
N TRP A 11 -5.15 -5.60 21.51
CA TRP A 11 -5.93 -4.78 22.42
C TRP A 11 -5.45 -5.00 23.84
N THR A 12 -5.55 -3.95 24.65
CA THR A 12 -5.43 -4.09 26.08
C THR A 12 -6.43 -5.09 26.64
N ASP A 13 -6.08 -5.70 27.78
CA ASP A 13 -7.06 -6.55 28.52
C ASP A 13 -7.70 -7.60 27.60
N TYR A 14 -6.84 -8.34 26.89
CA TYR A 14 -7.35 -9.20 25.81
C TYR A 14 -6.44 -10.43 25.65
N ILE A 15 -5.84 -10.89 26.74
CA ILE A 15 -5.03 -12.12 26.75
C ILE A 15 -4.95 -12.58 28.23
N ALA A 16 -4.68 -13.88 28.44
CA ALA A 16 -4.52 -14.26 29.83
C ALA A 16 -3.16 -13.82 30.33
N PRO A 17 -2.98 -13.66 31.65
CA PRO A 17 -1.70 -13.13 32.19
C PRO A 17 -0.50 -14.00 31.87
N ASP A 18 -0.69 -15.29 31.66
CA ASP A 18 0.40 -16.22 31.41
C ASP A 18 0.51 -16.72 29.98
N THR A 19 -0.33 -16.24 29.05
CA THR A 19 -0.33 -16.80 27.69
C THR A 19 1.03 -16.60 27.02
N VAL A 20 1.54 -15.36 27.03
CA VAL A 20 2.79 -15.12 26.34
C VAL A 20 3.95 -15.86 27.01
N ALA A 21 4.04 -15.81 28.36
CA ALA A 21 5.14 -16.52 29.01
C ALA A 21 5.10 -18.02 28.72
N ASN A 22 3.90 -18.59 28.64
CA ASN A 22 3.77 -20.02 28.35
C ASN A 22 4.25 -20.33 26.94
N PHE A 23 3.93 -19.44 26.00
CA PHE A 23 4.43 -19.62 24.64
C PHE A 23 5.94 -19.46 24.56
N GLU A 24 6.47 -18.48 25.28
CA GLU A 24 7.92 -18.30 25.31
C GLU A 24 8.62 -19.52 25.86
N LYS A 25 8.07 -20.08 26.94
CA LYS A 25 8.69 -21.25 27.55
C LYS A 25 8.68 -22.42 26.60
N GLU A 26 7.59 -22.58 25.88
CA GLU A 26 7.44 -23.75 25.03
C GLU A 26 8.34 -23.66 23.82
N THR A 27 8.41 -22.46 23.20
CA THR A 27 9.08 -22.32 21.92
C THR A 27 10.48 -21.72 21.96
N GLY A 28 10.86 -21.01 23.01
CA GLY A 28 12.15 -20.36 23.01
C GLY A 28 12.15 -19.03 22.28
N ILE A 29 11.01 -18.61 21.78
CA ILE A 29 10.87 -17.35 21.05
C ILE A 29 10.66 -16.26 22.08
N LYS A 30 11.33 -15.11 21.92
CA LYS A 30 11.09 -13.99 22.80
C LYS A 30 9.99 -13.16 22.17
N VAL A 31 8.99 -12.81 22.96
CA VAL A 31 7.83 -12.03 22.51
C VAL A 31 7.93 -10.60 23.05
N VAL A 32 7.75 -9.62 22.16
CA VAL A 32 7.54 -8.21 22.50
C VAL A 32 6.06 -7.94 22.27
N TYR A 33 5.31 -7.71 23.35
CA TYR A 33 3.87 -7.61 23.31
C TYR A 33 3.50 -6.19 23.67
N ASP A 34 2.81 -5.52 22.78
CA ASP A 34 2.40 -4.11 22.97
C ASP A 34 0.89 -4.06 22.76
N VAL A 35 0.26 -3.01 23.28
CA VAL A 35 -1.18 -2.97 23.36
C VAL A 35 -1.71 -1.62 22.93
N PHE A 36 -2.95 -1.64 22.43
CA PHE A 36 -3.73 -0.48 22.01
C PHE A 36 -5.17 -0.64 22.48
N ASP A 37 -5.93 0.45 22.45
CA ASP A 37 -7.35 0.43 22.79
C ASP A 37 -8.24 1.07 21.74
N SER A 38 -7.72 1.21 20.52
CA SER A 38 -8.41 1.90 19.46
C SER A 38 -8.11 1.30 18.07
N ASN A 39 -9.17 1.00 17.34
CA ASN A 39 -9.01 0.61 15.94
C ASN A 39 -8.38 1.71 15.10
N GLU A 40 -8.76 2.95 15.37
CA GLU A 40 -8.21 4.07 14.59
C GLU A 40 -6.72 4.23 14.84
N VAL A 41 -6.24 4.00 16.06
CA VAL A 41 -4.79 4.05 16.30
C VAL A 41 -4.06 3.01 15.48
N LEU A 42 -4.59 1.76 15.49
CA LEU A 42 -3.96 0.70 14.72
C LEU A 42 -3.99 1.00 13.23
N GLU A 43 -5.15 1.39 12.72
CA GLU A 43 -5.24 1.71 11.28
C GLU A 43 -4.26 2.82 10.89
N GLY A 44 -4.09 3.83 11.73
CA GLY A 44 -3.18 4.91 11.41
C GLY A 44 -1.76 4.40 11.29
N LYS A 45 -1.38 3.47 12.19
CA LYS A 45 -0.05 2.91 12.12
C LYS A 45 0.11 2.06 10.86
N LEU A 46 -0.89 1.26 10.55
CA LEU A 46 -0.81 0.40 9.36
C LEU A 46 -0.69 1.21 8.09
N MET A 47 -1.38 2.33 8.02
CA MET A 47 -1.39 3.18 6.82
C MET A 47 -0.26 4.20 6.78
N ALA A 48 0.43 4.50 7.88
CA ALA A 48 1.47 5.54 7.93
C ALA A 48 2.89 5.07 7.60
N GLY A 49 3.15 3.78 7.60
CA GLY A 49 4.52 3.33 7.46
C GLY A 49 4.59 1.89 7.97
N SER A 50 5.82 1.47 8.23
CA SER A 50 6.04 0.13 8.78
C SER A 50 5.70 0.14 10.25
N THR A 51 4.90 -0.84 10.67
CA THR A 51 4.56 -0.91 12.08
C THR A 51 5.64 -1.61 12.89
N GLY A 52 6.50 -2.41 12.24
CA GLY A 52 7.40 -3.33 12.90
C GLY A 52 6.76 -4.49 13.57
N PHE A 53 5.45 -4.67 13.51
CA PHE A 53 4.78 -5.81 14.15
C PHE A 53 4.68 -6.98 13.18
N ASP A 54 4.76 -8.18 13.74
CA ASP A 54 4.54 -9.43 13.03
C ASP A 54 3.10 -9.87 13.04
N LEU A 55 2.33 -9.49 14.06
CA LEU A 55 0.91 -9.79 14.20
C LEU A 55 0.21 -8.56 14.78
N VAL A 56 -0.98 -8.26 14.27
CA VAL A 56 -1.83 -7.19 14.78
C VAL A 56 -3.26 -7.72 14.86
N VAL A 57 -4.12 -7.03 15.61
CA VAL A 57 -5.45 -7.55 15.93
C VAL A 57 -6.54 -6.51 15.66
N PRO A 58 -6.81 -6.16 14.41
CA PRO A 58 -7.97 -5.29 14.10
C PRO A 58 -9.30 -5.95 14.30
N SER A 59 -10.33 -5.11 14.50
CA SER A 59 -11.68 -5.61 14.27
C SER A 59 -11.88 -5.93 12.78
N ALA A 60 -12.81 -6.85 12.52
CA ALA A 60 -12.98 -7.34 11.15
C ALA A 60 -13.34 -6.23 10.17
N SER A 61 -14.16 -5.25 10.57
CA SER A 61 -14.47 -4.19 9.61
CA SER A 61 -14.50 -4.14 9.67
C SER A 61 -13.28 -3.29 9.34
N TYR A 62 -12.32 -3.22 10.26
CA TYR A 62 -11.06 -2.54 10.02
C TYR A 62 -10.13 -3.37 9.14
N LEU A 63 -10.12 -4.70 9.29
CA LEU A 63 -9.42 -5.55 8.33
CA LEU A 63 -9.40 -5.51 8.33
C LEU A 63 -9.97 -5.31 6.93
N GLU A 64 -11.29 -5.40 6.81
CA GLU A 64 -11.93 -5.22 5.50
C GLU A 64 -11.48 -3.97 4.80
N ARG A 65 -11.51 -2.85 5.48
CA ARG A 65 -11.26 -1.58 4.82
C ARG A 65 -9.83 -1.39 4.44
N GLN A 66 -8.92 -2.12 5.03
CA GLN A 66 -7.54 -1.98 4.68
C GLN A 66 -7.06 -3.07 3.76
N LEU A 67 -7.89 -4.07 3.40
CA LEU A 67 -7.42 -5.15 2.53
C LEU A 67 -6.84 -4.66 1.24
N THR A 68 -7.60 -3.82 0.51
CA THR A 68 -7.11 -3.45 -0.83
C THR A 68 -5.95 -2.49 -0.79
N ALA A 69 -5.64 -1.94 0.39
CA ALA A 69 -4.41 -1.19 0.58
C ALA A 69 -3.18 -2.06 0.60
N GLY A 70 -3.34 -3.38 0.69
CA GLY A 70 -2.28 -4.35 0.71
C GLY A 70 -1.44 -4.32 1.97
N VAL A 71 -1.98 -3.83 3.08
CA VAL A 71 -1.19 -3.80 4.29
C VAL A 71 -1.01 -5.17 4.95
N PHE A 72 -1.81 -6.17 4.58
CA PHE A 72 -1.76 -7.54 5.13
C PHE A 72 -1.32 -8.57 4.10
N GLN A 73 -0.70 -9.61 4.59
CA GLN A 73 -0.39 -10.68 3.64
C GLN A 73 -1.27 -11.88 3.94
N PRO A 74 -1.57 -12.70 2.94
CA PRO A 74 -2.50 -13.80 3.14
C PRO A 74 -1.86 -14.83 4.04
N LEU A 75 -2.67 -15.43 4.90
CA LEU A 75 -2.19 -16.47 5.82
C LEU A 75 -2.03 -17.80 5.10
N ASP A 76 -0.83 -18.33 5.17
CA ASP A 76 -0.48 -19.66 4.66
C ASP A 76 -1.02 -20.75 5.60
N LYS A 77 -2.16 -21.33 5.23
CA LYS A 77 -2.84 -22.26 6.13
CA LYS A 77 -2.85 -22.26 6.12
C LYS A 77 -2.05 -23.55 6.34
N SER A 78 -1.13 -23.86 5.44
CA SER A 78 -0.29 -25.04 5.63
C SER A 78 0.63 -24.87 6.84
N LYS A 79 0.80 -23.62 7.32
CA LYS A 79 1.58 -23.36 8.52
C LYS A 79 0.69 -23.24 9.75
N LEU A 80 -0.60 -23.49 9.55
CA LEU A 80 -1.57 -23.45 10.63
C LEU A 80 -2.36 -24.76 10.70
N PRO A 81 -1.68 -25.84 11.02
CA PRO A 81 -2.35 -27.14 11.01
C PRO A 81 -3.59 -27.21 11.92
N GLU A 82 -3.64 -26.42 13.03
CA GLU A 82 -4.79 -26.41 13.95
CA GLU A 82 -4.77 -26.39 13.98
CA GLU A 82 -4.79 -26.41 13.94
C GLU A 82 -5.93 -25.50 13.48
N TRP A 83 -5.91 -25.05 12.21
CA TRP A 83 -6.94 -24.15 11.66
C TRP A 83 -8.32 -24.74 11.71
N LYS A 84 -8.42 -26.08 11.57
CA LYS A 84 -9.65 -26.80 11.66
C LYS A 84 -10.36 -26.71 13.01
N ASN A 85 -9.69 -26.22 14.06
CA ASN A 85 -10.38 -26.07 15.33
C ASN A 85 -11.34 -24.88 15.32
N LEU A 86 -11.11 -23.92 14.40
CA LEU A 86 -12.00 -22.77 14.29
C LEU A 86 -13.36 -23.22 13.83
N ASP A 87 -14.40 -22.59 14.38
CA ASP A 87 -15.74 -22.98 13.99
C ASP A 87 -15.95 -22.64 12.52
N PRO A 88 -16.27 -23.60 11.67
CA PRO A 88 -16.36 -23.27 10.25
C PRO A 88 -17.55 -22.41 9.91
N GLU A 89 -18.60 -22.38 10.73
CA GLU A 89 -19.70 -21.45 10.50
C GLU A 89 -19.32 -20.05 10.87
N LEU A 90 -18.61 -19.85 12.01
CA LEU A 90 -18.12 -18.52 12.33
C LEU A 90 -17.16 -18.04 11.24
N LEU A 91 -16.36 -18.93 10.65
CA LEU A 91 -15.51 -18.53 9.53
C LEU A 91 -16.30 -17.96 8.37
N LYS A 92 -17.44 -18.55 8.06
CA LYS A 92 -18.25 -18.02 6.96
C LYS A 92 -18.76 -16.62 7.25
N LEU A 93 -19.08 -16.32 8.51
CA LEU A 93 -19.55 -14.98 8.85
C LEU A 93 -18.41 -13.98 8.78
N VAL A 94 -17.26 -14.36 9.31
CA VAL A 94 -16.09 -13.48 9.23
C VAL A 94 -15.73 -13.20 7.78
N ALA A 95 -15.98 -14.15 6.89
CA ALA A 95 -15.60 -14.00 5.49
C ALA A 95 -16.32 -12.87 4.78
N LYS A 96 -17.37 -12.34 5.36
CA LYS A 96 -17.98 -11.16 4.76
C LYS A 96 -17.00 -10.00 4.69
N HIS A 97 -16.05 -9.98 5.62
CA HIS A 97 -15.00 -8.99 5.69
C HIS A 97 -13.68 -9.43 5.05
N ASP A 98 -13.55 -10.72 4.75
CA ASP A 98 -12.26 -11.35 4.37
C ASP A 98 -12.66 -12.56 3.56
N PRO A 99 -12.92 -12.37 2.26
CA PRO A 99 -13.48 -13.46 1.48
C PRO A 99 -12.59 -14.68 1.45
N ASP A 100 -13.20 -15.83 1.76
CA ASP A 100 -12.55 -17.15 1.79
C ASP A 100 -11.58 -17.25 2.97
N ASN A 101 -11.65 -16.31 3.92
CA ASN A 101 -10.78 -16.30 5.10
C ASN A 101 -9.31 -16.33 4.75
N LYS A 102 -8.94 -15.49 3.78
CA LYS A 102 -7.57 -15.57 3.33
C LYS A 102 -6.59 -14.79 4.24
N PHE A 103 -7.05 -13.71 4.89
CA PHE A 103 -6.15 -12.81 5.60
C PHE A 103 -6.24 -12.84 7.12
N ALA A 104 -7.30 -13.38 7.71
CA ALA A 104 -7.51 -13.14 9.14
C ALA A 104 -7.91 -14.41 9.86
N MET A 105 -7.42 -14.50 11.09
CA MET A 105 -7.80 -15.58 12.01
CA MET A 105 -7.83 -15.58 11.98
C MET A 105 -8.78 -15.04 13.04
N PRO A 106 -10.06 -15.42 13.06
CA PRO A 106 -10.97 -14.93 14.09
CA PRO A 106 -10.91 -14.85 14.10
C PRO A 106 -10.43 -15.25 15.48
N TYR A 107 -10.49 -14.27 16.37
CA TYR A 107 -9.94 -14.38 17.72
C TYR A 107 -11.06 -14.43 18.76
N MET A 108 -11.80 -13.33 18.91
CA MET A 108 -12.89 -13.19 19.87
C MET A 108 -14.02 -12.43 19.22
N TRP A 109 -15.22 -12.55 19.77
CA TRP A 109 -16.45 -11.93 19.29
CA TRP A 109 -16.29 -11.69 19.33
C TRP A 109 -17.17 -11.34 20.51
N ALA A 110 -17.79 -10.18 20.38
CA ALA A 110 -18.66 -9.68 21.42
C ALA A 110 -19.53 -8.54 20.93
N THR A 111 -20.09 -7.77 21.85
CA THR A 111 -21.08 -6.74 21.60
C THR A 111 -20.63 -5.45 22.30
N THR A 112 -21.26 -4.34 21.92
CA THR A 112 -21.01 -3.01 22.48
C THR A 112 -22.29 -2.57 23.15
N GLY A 113 -22.26 -2.50 24.48
CA GLY A 113 -23.45 -2.30 25.26
C GLY A 113 -23.24 -1.30 26.38
N ILE A 114 -23.91 -1.50 27.51
CA ILE A 114 -23.83 -0.60 28.67
C ILE A 114 -23.30 -1.39 29.84
N GLY A 115 -22.21 -0.92 30.43
CA GLY A 115 -21.73 -1.40 31.71
C GLY A 115 -22.16 -0.44 32.80
N TYR A 116 -22.61 -1.01 33.94
CA TYR A 116 -23.15 -0.13 34.96
C TYR A 116 -23.00 -0.70 36.36
N ASN A 117 -22.98 0.25 37.31
CA ASN A 117 -23.02 -0.05 38.73
C ASN A 117 -24.46 -0.26 39.15
N VAL A 118 -24.82 -1.51 39.41
CA VAL A 118 -26.21 -1.90 39.68
C VAL A 118 -26.80 -1.04 40.80
N ASP A 119 -26.09 -0.97 41.93
CA ASP A 119 -26.68 -0.34 43.10
C ASP A 119 -26.74 1.19 42.95
N LYS A 120 -25.68 1.79 42.39
CA LYS A 120 -25.71 3.25 42.24
C LYS A 120 -26.76 3.68 41.24
N VAL A 121 -26.93 2.92 40.14
CA VAL A 121 -27.99 3.26 39.19
C VAL A 121 -29.36 3.22 39.86
N LYS A 122 -29.61 2.20 40.67
CA LYS A 122 -30.90 2.10 41.35
C LYS A 122 -31.06 3.17 42.41
N ALA A 123 -29.96 3.55 43.08
CA ALA A 123 -30.05 4.61 44.07
C ALA A 123 -30.38 5.94 43.41
N VAL A 124 -29.85 6.19 42.23
CA VAL A 124 -30.05 7.47 41.55
C VAL A 124 -31.34 7.51 40.75
N LEU A 125 -31.63 6.45 40.01
CA LEU A 125 -32.78 6.41 39.11
C LEU A 125 -33.97 5.58 39.60
N GLY A 126 -33.82 4.81 40.67
CA GLY A 126 -34.93 4.05 41.19
C GLY A 126 -34.83 2.59 40.84
N GLU A 127 -35.69 1.82 41.50
CA GLU A 127 -35.62 0.37 41.33
C GLU A 127 -36.04 -0.02 39.91
N ASN A 128 -36.85 0.82 39.29
CA ASN A 128 -37.28 0.60 37.91
CA ASN A 128 -37.30 0.64 37.92
C ASN A 128 -36.36 1.24 36.86
N ALA A 129 -35.11 1.53 37.21
CA ALA A 129 -34.19 2.13 36.25
C ALA A 129 -34.13 1.30 34.99
N PRO A 130 -34.06 1.91 33.79
CA PRO A 130 -34.25 1.17 32.53
C PRO A 130 -32.97 0.50 32.07
N VAL A 131 -32.52 -0.45 32.88
CA VAL A 131 -31.22 -1.07 32.65
C VAL A 131 -31.19 -2.00 31.43
N ASP A 132 -32.33 -2.29 30.83
CA ASP A 132 -32.41 -3.11 29.64
C ASP A 132 -32.54 -2.26 28.38
N SER A 133 -32.29 -0.96 28.49
CA SER A 133 -32.52 -0.01 27.40
C SER A 133 -31.38 0.99 27.24
N TRP A 134 -31.12 1.40 25.98
CA TRP A 134 -30.20 2.51 25.78
C TRP A 134 -30.73 3.80 26.42
N ASP A 135 -31.99 3.83 26.82
CA ASP A 135 -32.48 4.98 27.59
C ASP A 135 -31.65 5.24 28.84
N LEU A 136 -31.02 4.20 29.41
CA LEU A 136 -30.23 4.39 30.63
C LEU A 136 -29.13 5.43 30.46
N ILE A 137 -28.49 5.44 29.28
CA ILE A 137 -27.34 6.29 29.01
C ILE A 137 -27.55 7.29 27.88
N LEU A 138 -28.63 7.20 27.08
CA LEU A 138 -28.82 8.11 25.94
C LEU A 138 -30.04 9.01 26.09
N LYS A 139 -30.79 8.89 27.20
CA LYS A 139 -31.86 9.82 27.46
C LYS A 139 -31.29 10.95 28.31
N PRO A 140 -31.36 12.22 27.85
CA PRO A 140 -30.69 13.28 28.62
C PRO A 140 -31.13 13.36 30.06
N GLU A 141 -32.44 13.16 30.32
CA GLU A 141 -32.99 13.25 31.69
C GLU A 141 -32.31 12.25 32.63
N ASN A 142 -31.97 11.08 32.13
CA ASN A 142 -31.27 10.09 32.92
C ASN A 142 -29.80 10.46 33.09
N LEU A 143 -29.11 10.90 32.02
CA LEU A 143 -27.71 11.27 32.23
C LEU A 143 -27.52 12.43 33.18
N GLU A 144 -28.43 13.41 33.14
CA GLU A 144 -28.37 14.56 34.05
C GLU A 144 -28.36 14.08 35.50
N LYS A 145 -29.11 13.03 35.79
CA LYS A 145 -29.16 12.49 37.14
C LYS A 145 -27.91 11.68 37.48
N LEU A 146 -27.33 11.01 36.49
CA LEU A 146 -26.18 10.15 36.66
C LEU A 146 -24.86 10.93 36.57
N LYS A 147 -24.90 12.24 36.24
CA LYS A 147 -23.64 12.92 35.95
C LYS A 147 -22.63 12.76 37.06
N SER A 148 -23.07 13.01 38.31
CA SER A 148 -22.10 13.08 39.40
C SER A 148 -21.56 11.71 39.75
N CYS A 149 -22.34 10.64 39.55
CA CYS A 149 -21.76 9.34 39.83
CA CYS A 149 -21.87 9.29 39.76
C CYS A 149 -20.86 8.85 38.72
N GLY A 150 -20.87 9.51 37.57
CA GLY A 150 -19.83 9.32 36.58
C GLY A 150 -20.33 8.55 35.36
N VAL A 151 -20.22 9.17 34.21
CA VAL A 151 -20.60 8.60 32.92
C VAL A 151 -19.40 8.60 31.97
N SER A 152 -19.13 7.44 31.38
CA SER A 152 -18.10 7.36 30.33
C SER A 152 -18.65 6.84 29.01
N PHE A 153 -18.16 7.41 27.89
CA PHE A 153 -18.42 6.87 26.54
C PHE A 153 -17.10 6.34 26.01
N LEU A 154 -17.15 5.29 25.18
CA LEU A 154 -15.96 4.87 24.45
C LEU A 154 -15.43 6.01 23.59
N ASP A 155 -14.13 6.06 23.41
CA ASP A 155 -13.50 6.98 22.47
C ASP A 155 -13.41 6.27 21.10
N ASP A 156 -14.60 5.98 20.57
CA ASP A 156 -14.74 5.21 19.32
C ASP A 156 -15.87 5.88 18.54
N PRO A 157 -15.54 6.68 17.52
CA PRO A 157 -16.59 7.44 16.86
C PRO A 157 -17.54 6.57 16.10
N GLU A 158 -17.05 5.48 15.51
CA GLU A 158 -17.95 4.64 14.75
C GLU A 158 -18.98 3.95 15.62
N GLU A 159 -18.52 3.44 16.76
CA GLU A 159 -19.41 2.77 17.73
CA GLU A 159 -19.41 2.77 17.70
C GLU A 159 -20.45 3.74 18.29
N VAL A 160 -20.00 4.91 18.68
CA VAL A 160 -20.88 5.86 19.34
C VAL A 160 -21.93 6.37 18.34
N PHE A 161 -21.51 6.77 17.12
CA PHE A 161 -22.52 7.24 16.17
C PHE A 161 -23.48 6.14 15.77
N ALA A 162 -22.99 4.90 15.56
CA ALA A 162 -23.91 3.87 15.13
C ALA A 162 -24.95 3.58 16.22
N THR A 163 -24.52 3.55 17.48
CA THR A 163 -25.45 3.34 18.60
C THR A 163 -26.50 4.45 18.68
N VAL A 164 -26.04 5.71 18.59
CA VAL A 164 -26.94 6.86 18.59
C VAL A 164 -27.93 6.79 17.44
N LEU A 165 -27.45 6.53 16.24
CA LEU A 165 -28.34 6.43 15.10
C LEU A 165 -29.43 5.39 15.35
N ASN A 166 -29.02 4.19 15.76
CA ASN A 166 -30.01 3.16 16.03
C ASN A 166 -31.04 3.62 17.06
N TYR A 167 -30.58 4.22 18.15
CA TYR A 167 -31.46 4.68 19.22
C TYR A 167 -32.48 5.69 18.72
N LEU A 168 -32.07 6.54 17.76
CA LEU A 168 -32.93 7.53 17.15
C LEU A 168 -33.82 6.93 16.05
N GLY A 169 -33.79 5.61 15.83
CA GLY A 169 -34.61 4.98 14.82
C GLY A 169 -34.11 5.09 13.39
N LYS A 170 -32.84 5.49 13.20
CA LYS A 170 -32.19 5.52 11.90
C LYS A 170 -31.42 4.22 11.68
N ASP A 171 -31.01 4.02 10.46
CA ASP A 171 -30.08 2.95 10.13
C ASP A 171 -28.81 3.17 10.95
N PRO A 172 -28.38 2.21 11.76
CA PRO A 172 -27.09 2.35 12.45
CA PRO A 172 -27.09 2.43 12.46
C PRO A 172 -25.93 2.69 11.53
N ASN A 173 -26.00 2.25 10.28
CA ASN A 173 -24.98 2.48 9.26
C ASN A 173 -25.46 3.49 8.22
N SER A 174 -26.25 4.46 8.67
CA SER A 174 -26.82 5.45 7.74
C SER A 174 -25.75 6.01 6.82
N THR A 175 -26.11 6.20 5.54
CA THR A 175 -25.22 6.80 4.55
C THR A 175 -25.64 8.23 4.25
N LYS A 176 -26.56 8.77 5.07
CA LYS A 176 -27.15 10.10 4.85
C LYS A 176 -26.43 11.09 5.75
N ALA A 177 -25.72 12.05 5.15
CA ALA A 177 -24.94 12.99 5.94
C ALA A 177 -25.78 13.68 6.97
N ASP A 178 -27.02 14.06 6.60
CA ASP A 178 -27.86 14.86 7.46
C ASP A 178 -28.15 14.13 8.77
N ASP A 179 -28.18 12.80 8.76
CA ASP A 179 -28.44 12.05 9.98
C ASP A 179 -27.34 12.29 11.02
N TYR A 180 -26.10 12.45 10.54
CA TYR A 180 -24.97 12.66 11.44
C TYR A 180 -24.92 14.11 11.94
N THR A 181 -25.04 15.08 11.03
CA THR A 181 -24.89 16.50 11.40
C THR A 181 -26.09 17.01 12.12
N GLY A 182 -27.24 16.39 11.90
CA GLY A 182 -28.46 16.79 12.52
C GLY A 182 -28.82 16.01 13.77
N PRO A 183 -29.72 15.02 13.68
CA PRO A 183 -30.18 14.38 14.92
C PRO A 183 -29.09 13.72 15.74
N ALA A 184 -28.12 13.03 15.14
CA ALA A 184 -27.13 12.36 15.99
C ALA A 184 -26.31 13.38 16.75
N THR A 185 -25.88 14.44 16.05
CA THR A 185 -25.11 15.48 16.70
C THR A 185 -25.96 16.16 17.75
N ASP A 186 -27.24 16.45 17.44
CA ASP A 186 -28.10 17.14 18.40
C ASP A 186 -28.17 16.36 19.71
N LEU A 187 -28.39 15.04 19.63
CA LEU A 187 -28.49 14.24 20.85
C LEU A 187 -27.16 14.26 21.60
N LEU A 188 -26.05 14.01 20.90
CA LEU A 188 -24.77 13.94 21.58
C LEU A 188 -24.39 15.26 22.26
N LEU A 189 -24.69 16.41 21.64
CA LEU A 189 -24.44 17.66 22.33
C LEU A 189 -25.28 17.85 23.56
N LYS A 190 -26.52 17.35 23.54
CA LYS A 190 -27.38 17.40 24.70
C LYS A 190 -26.83 16.54 25.82
N LEU A 191 -26.26 15.37 25.47
CA LEU A 191 -25.70 14.45 26.46
C LEU A 191 -24.34 14.95 27.00
N ARG A 192 -23.57 15.62 26.14
CA ARG A 192 -22.16 15.88 26.41
C ARG A 192 -21.86 16.52 27.76
N PRO A 193 -22.59 17.52 28.23
CA PRO A 193 -22.21 18.11 29.54
C PRO A 193 -22.21 17.12 30.66
N ASN A 194 -22.90 15.98 30.52
CA ASN A 194 -23.01 15.01 31.60
C ASN A 194 -22.02 13.86 31.45
N ILE A 195 -21.23 13.85 30.40
CA ILE A 195 -20.23 12.80 30.17
C ILE A 195 -18.92 13.22 30.82
N ARG A 196 -18.40 12.40 31.74
CA ARG A 196 -17.14 12.74 32.39
C ARG A 196 -15.95 12.62 31.45
N TYR A 197 -15.89 11.53 30.65
CA TYR A 197 -14.78 11.36 29.73
C TYR A 197 -15.15 10.43 28.61
N PHE A 198 -14.41 10.55 27.50
CA PHE A 198 -14.42 9.60 26.38
C PHE A 198 -13.12 8.83 26.47
N HIS A 199 -13.22 7.53 26.74
CA HIS A 199 -12.04 6.70 26.82
C HIS A 199 -12.46 5.25 26.67
N SER A 200 -11.61 4.47 25.98
CA SER A 200 -11.96 3.08 25.65
C SER A 200 -11.29 2.06 26.50
N SER A 201 -10.64 2.45 27.57
CA SER A 201 -10.09 1.44 28.47
C SER A 201 -10.07 1.84 29.93
N GLN A 202 -10.04 3.14 30.28
CA GLN A 202 -10.02 3.50 31.71
C GLN A 202 -11.33 3.11 32.42
N TYR A 203 -12.40 2.92 31.68
CA TYR A 203 -13.69 2.61 32.28
C TYR A 203 -13.75 1.25 32.95
N ILE A 204 -12.83 0.34 32.64
CA ILE A 204 -12.86 -0.99 33.25
C ILE A 204 -12.57 -0.84 34.73
N ASN A 205 -11.41 -0.30 35.07
CA ASN A 205 -11.08 -0.11 36.48
C ASN A 205 -12.01 0.88 37.15
N ASP A 206 -12.47 1.91 36.43
CA ASP A 206 -13.37 2.88 37.07
C ASP A 206 -14.70 2.23 37.41
N LEU A 207 -15.23 1.34 36.56
CA LEU A 207 -16.42 0.60 36.94
C LEU A 207 -16.14 -0.29 38.13
N ALA A 208 -15.01 -1.01 38.10
CA ALA A 208 -14.71 -2.00 39.15
C ALA A 208 -14.60 -1.34 40.51
N ASN A 209 -14.08 -0.11 40.57
CA ASN A 209 -13.82 0.55 41.83
C ASN A 209 -14.95 1.45 42.29
N GLY A 210 -16.01 1.58 41.53
CA GLY A 210 -17.14 2.38 41.87
C GLY A 210 -17.02 3.84 41.47
N ASP A 211 -16.01 4.19 40.66
CA ASP A 211 -15.79 5.60 40.29
C ASP A 211 -16.61 6.07 39.08
N ILE A 212 -17.03 5.17 38.21
CA ILE A 212 -17.95 5.43 37.10
C ILE A 212 -19.16 4.55 37.35
N CYS A 213 -20.36 5.13 37.18
CA CYS A 213 -21.57 4.35 37.37
CA CYS A 213 -21.60 4.39 37.36
C CYS A 213 -22.18 3.80 36.08
N VAL A 214 -21.94 4.42 34.93
CA VAL A 214 -22.43 3.93 33.65
C VAL A 214 -21.40 4.23 32.57
N ALA A 215 -21.27 3.28 31.65
CA ALA A 215 -20.32 3.40 30.55
C ALA A 215 -20.88 2.72 29.33
N ILE A 216 -20.62 3.32 28.18
CA ILE A 216 -20.67 2.52 26.96
C ILE A 216 -19.44 1.63 26.99
N GLY A 217 -19.60 0.33 26.78
CA GLY A 217 -18.48 -0.56 26.96
C GLY A 217 -18.60 -1.81 26.10
N TRP A 218 -17.46 -2.42 25.90
CA TRP A 218 -17.38 -3.71 25.24
C TRP A 218 -17.64 -4.82 26.27
N ALA A 219 -18.44 -5.82 25.89
CA ALA A 219 -19.02 -6.77 26.86
C ALA A 219 -17.97 -7.36 27.81
N GLY A 220 -16.95 -8.02 27.26
CA GLY A 220 -16.02 -8.73 28.14
C GLY A 220 -15.20 -7.78 29.00
N ASP A 221 -14.95 -6.57 28.55
CA ASP A 221 -14.32 -5.55 29.40
C ASP A 221 -15.17 -5.26 30.64
N VAL A 222 -16.50 -5.18 30.45
CA VAL A 222 -17.38 -4.92 31.59
C VAL A 222 -17.45 -6.14 32.49
N TRP A 223 -17.46 -7.34 31.92
CA TRP A 223 -17.44 -8.55 32.76
C TRP A 223 -16.12 -8.68 33.50
N GLN A 224 -15.00 -8.23 32.91
CA GLN A 224 -13.76 -8.16 33.64
C GLN A 224 -13.88 -7.18 34.81
N ALA A 225 -14.50 -6.02 34.59
CA ALA A 225 -14.70 -5.08 35.70
C ALA A 225 -15.47 -5.75 36.82
N SER A 226 -16.56 -6.42 36.47
CA SER A 226 -17.39 -7.11 37.45
C SER A 226 -16.56 -8.10 38.26
N ASN A 227 -15.73 -8.87 37.56
CA ASN A 227 -14.94 -9.90 38.22
C ASN A 227 -13.84 -9.30 39.10
N ARG A 228 -13.27 -8.15 38.68
CA ARG A 228 -12.25 -7.48 39.46
C ARG A 228 -12.83 -6.96 40.76
N ALA A 229 -14.08 -6.46 40.70
CA ALA A 229 -14.72 -6.00 41.92
C ALA A 229 -15.01 -7.16 42.86
N LYS A 230 -15.47 -8.30 42.29
CA LYS A 230 -15.74 -9.50 43.09
C LYS A 230 -14.48 -9.99 43.74
N GLU A 231 -13.37 -9.96 43.00
CA GLU A 231 -12.12 -10.48 43.57
C GLU A 231 -11.57 -9.56 44.65
N ALA A 232 -11.83 -8.26 44.51
CA ALA A 232 -11.40 -7.26 45.47
C ALA A 232 -12.28 -7.26 46.69
N LYS A 233 -13.42 -7.95 46.67
CA LYS A 233 -14.34 -7.99 47.80
C LYS A 233 -14.71 -6.57 48.24
N ASN A 234 -14.96 -5.69 47.28
CA ASN A 234 -15.13 -4.28 47.52
C ASN A 234 -16.61 -3.87 47.58
N GLY A 235 -17.53 -4.82 47.44
CA GLY A 235 -18.94 -4.55 47.50
C GLY A 235 -19.57 -3.85 46.32
N VAL A 236 -18.84 -3.64 45.23
CA VAL A 236 -19.35 -3.03 44.02
C VAL A 236 -19.96 -4.12 43.14
N ASN A 237 -21.16 -3.88 42.61
CA ASN A 237 -21.82 -4.81 41.70
CA ASN A 237 -21.84 -4.81 41.71
C ASN A 237 -21.90 -4.19 40.32
N VAL A 238 -21.12 -4.73 39.40
CA VAL A 238 -21.10 -4.26 38.02
C VAL A 238 -21.84 -5.30 37.17
N SER A 239 -22.72 -4.82 36.28
CA SER A 239 -23.33 -5.67 35.29
C SER A 239 -23.24 -5.04 33.91
N PHE A 240 -23.66 -5.82 32.90
CA PHE A 240 -23.56 -5.42 31.50
C PHE A 240 -24.93 -5.71 30.87
N SER A 241 -25.38 -4.81 30.00
CA SER A 241 -26.64 -4.96 29.27
CA SER A 241 -26.62 -5.02 29.26
C SER A 241 -26.39 -4.86 27.76
N ILE A 242 -26.93 -5.82 27.01
CA ILE A 242 -27.11 -5.73 25.56
C ILE A 242 -28.52 -5.20 25.43
N PRO A 243 -28.70 -3.91 25.17
CA PRO A 243 -30.03 -3.33 25.34
C PRO A 243 -31.07 -3.83 24.35
N LYS A 244 -32.33 -3.62 24.72
CA LYS A 244 -33.45 -4.16 23.96
C LYS A 244 -33.56 -3.57 22.55
N GLU A 245 -33.04 -2.36 22.32
CA GLU A 245 -33.15 -1.78 20.97
C GLU A 245 -32.09 -2.30 20.01
N GLY A 246 -31.23 -3.20 20.47
CA GLY A 246 -30.16 -3.74 19.65
C GLY A 246 -28.81 -3.14 20.03
N ALA A 247 -27.77 -3.69 19.45
CA ALA A 247 -26.41 -3.26 19.75
C ALA A 247 -25.50 -3.72 18.62
N MET A 248 -24.31 -3.16 18.58
CA MET A 248 -23.27 -3.56 17.66
C MET A 248 -22.63 -4.86 18.11
N ALA A 249 -22.40 -5.76 17.15
CA ALA A 249 -21.63 -6.98 17.35
C ALA A 249 -20.40 -6.92 16.44
N TRP A 250 -19.33 -7.60 16.83
CA TRP A 250 -18.08 -7.50 16.09
C TRP A 250 -17.18 -8.68 16.41
N PHE A 251 -16.28 -8.96 15.47
CA PHE A 251 -15.23 -9.93 15.60
C PHE A 251 -13.91 -9.17 15.61
N ASP A 252 -12.97 -9.54 16.46
CA ASP A 252 -11.60 -9.14 16.36
C ASP A 252 -10.85 -10.31 15.78
N VAL A 253 -9.82 -10.01 14.98
CA VAL A 253 -9.09 -10.99 14.18
C VAL A 253 -7.60 -10.72 14.28
N PHE A 254 -6.81 -11.77 14.29
CA PHE A 254 -5.37 -11.67 14.08
C PHE A 254 -5.08 -11.62 12.58
N ALA A 255 -4.13 -10.73 12.22
CA ALA A 255 -3.66 -10.55 10.85
C ALA A 255 -2.16 -10.32 10.88
N MET A 256 -1.52 -10.54 9.72
CA MET A 256 -0.08 -10.45 9.59
C MET A 256 0.25 -9.29 8.65
N PRO A 257 0.88 -8.22 9.13
CA PRO A 257 1.33 -7.15 8.21
C PRO A 257 2.17 -7.70 7.06
N ALA A 258 2.01 -7.09 5.90
CA ALA A 258 2.69 -7.59 4.70
C ALA A 258 4.19 -7.52 4.82
N ASP A 259 4.72 -6.58 5.63
CA ASP A 259 6.15 -6.46 5.82
C ASP A 259 6.65 -7.13 7.10
N ALA A 260 5.88 -8.05 7.67
CA ALA A 260 6.32 -8.77 8.86
C ALA A 260 7.66 -9.43 8.67
N LYS A 261 8.55 -9.21 9.65
CA LYS A 261 9.91 -9.76 9.62
C LYS A 261 9.93 -11.26 9.92
N ASN A 262 9.21 -11.68 10.92
CA ASN A 262 9.40 -13.03 11.48
C ASN A 262 8.10 -13.83 11.29
N LYS A 263 7.84 -14.19 10.02
CA LYS A 263 6.55 -14.81 9.70
C LYS A 263 6.45 -16.21 10.31
N ASP A 264 7.56 -16.96 10.34
CA ASP A 264 7.53 -18.33 10.86
C ASP A 264 7.14 -18.33 12.34
N GLU A 265 7.76 -17.43 13.13
CA GLU A 265 7.43 -17.29 14.55
C GLU A 265 5.98 -16.83 14.71
N ALA A 266 5.51 -15.95 13.82
CA ALA A 266 4.12 -15.49 13.84
C ALA A 266 3.15 -16.65 13.65
N TYR A 267 3.45 -17.54 12.69
CA TYR A 267 2.58 -18.71 12.49
C TYR A 267 2.63 -19.61 13.69
N GLN A 268 3.78 -19.71 14.33
CA GLN A 268 3.84 -20.49 15.56
C GLN A 268 2.88 -19.95 16.62
N PHE A 269 2.86 -18.63 16.80
CA PHE A 269 1.97 -18.03 17.77
C PHE A 269 0.52 -18.23 17.38
N LEU A 270 0.16 -18.03 16.09
CA LEU A 270 -1.22 -18.25 15.70
C LEU A 270 -1.61 -19.72 15.97
N ASN A 271 -0.73 -20.65 15.67
CA ASN A 271 -1.08 -22.06 15.87
CA ASN A 271 -1.02 -22.07 15.88
C ASN A 271 -1.21 -22.37 17.36
N TYR A 272 -0.44 -21.67 18.19
CA TYR A 272 -0.58 -21.77 19.63
C TYR A 272 -1.94 -21.28 20.09
N LEU A 273 -2.39 -20.12 19.58
CA LEU A 273 -3.74 -19.65 19.89
C LEU A 273 -4.85 -20.57 19.38
N LEU A 274 -4.59 -21.36 18.37
CA LEU A 274 -5.60 -22.28 17.85
C LEU A 274 -5.74 -23.54 18.72
N ARG A 275 -4.82 -23.76 19.67
CA ARG A 275 -4.91 -24.91 20.56
CA ARG A 275 -4.93 -24.92 20.54
CA ARG A 275 -4.91 -24.91 20.59
C ARG A 275 -6.09 -24.69 21.51
N PRO A 276 -6.97 -25.66 21.68
CA PRO A 276 -8.21 -25.37 22.41
CA PRO A 276 -8.22 -25.38 22.41
C PRO A 276 -8.01 -24.98 23.85
N ASP A 277 -7.04 -25.58 24.53
CA ASP A 277 -6.77 -25.20 25.92
C ASP A 277 -6.29 -23.74 26.02
N VAL A 278 -5.43 -23.30 25.09
CA VAL A 278 -4.83 -21.97 25.12
C VAL A 278 -5.91 -20.90 25.01
N VAL A 279 -6.78 -21.02 24.02
CA VAL A 279 -7.75 -19.96 23.81
C VAL A 279 -8.87 -20.04 24.84
N ALA A 280 -9.22 -21.25 25.31
CA ALA A 280 -10.22 -21.34 26.37
C ALA A 280 -9.74 -20.62 27.61
N HIS A 281 -8.47 -20.81 27.95
CA HIS A 281 -7.91 -20.16 29.13
C HIS A 281 -7.98 -18.64 28.96
N ILE A 282 -7.77 -18.15 27.73
CA ILE A 282 -7.88 -16.70 27.50
C ILE A 282 -9.30 -16.25 27.77
N SER A 283 -10.27 -16.92 27.20
CA SER A 283 -11.68 -16.58 27.41
C SER A 283 -12.03 -16.61 28.89
N ASP A 284 -11.48 -17.56 29.65
CA ASP A 284 -11.77 -17.62 31.08
C ASP A 284 -11.33 -16.35 31.80
N HIS A 285 -10.23 -15.76 31.35
CA HIS A 285 -9.68 -14.59 32.02
CA HIS A 285 -9.66 -14.59 32.01
CA HIS A 285 -9.68 -14.59 32.02
C HIS A 285 -10.26 -13.27 31.51
N VAL A 286 -10.59 -13.20 30.23
CA VAL A 286 -11.02 -11.92 29.65
C VAL A 286 -12.51 -11.81 29.45
N PHE A 287 -13.26 -12.90 29.66
CA PHE A 287 -14.72 -12.88 29.62
C PHE A 287 -15.24 -12.52 28.24
N TYR A 288 -14.58 -13.05 27.19
CA TYR A 288 -15.00 -12.93 25.80
C TYR A 288 -15.16 -14.32 25.18
N ALA A 289 -16.16 -14.42 24.29
CA ALA A 289 -16.33 -15.63 23.49
C ALA A 289 -15.23 -15.71 22.43
N ASN A 290 -14.59 -16.89 22.30
CA ASN A 290 -13.60 -17.10 21.24
C ASN A 290 -14.31 -17.72 20.03
N ALA A 291 -13.59 -17.84 18.92
CA ALA A 291 -14.12 -18.40 17.68
C ALA A 291 -13.71 -19.83 17.43
N ASN A 292 -13.26 -20.51 18.46
CA ASN A 292 -12.70 -21.86 18.35
C ASN A 292 -13.74 -22.87 18.84
N LYS A 293 -14.25 -23.64 17.90
CA LYS A 293 -15.24 -24.64 18.25
C LYS A 293 -14.64 -25.70 19.20
N ALA A 294 -13.43 -26.14 18.93
CA ALA A 294 -12.85 -27.18 19.75
C ALA A 294 -12.66 -26.71 21.18
N ALA A 295 -12.53 -25.39 21.40
CA ALA A 295 -12.27 -24.89 22.74
C ALA A 295 -13.52 -24.80 23.62
N THR A 296 -14.69 -24.82 23.03
CA THR A 296 -15.88 -24.46 23.81
C THR A 296 -16.08 -25.30 25.07
N PRO A 297 -15.95 -26.62 25.04
CA PRO A 297 -16.16 -27.39 26.28
C PRO A 297 -15.18 -27.05 27.39
N LEU A 298 -14.03 -26.46 27.06
CA LEU A 298 -13.02 -26.12 28.04
C LEU A 298 -13.25 -24.76 28.69
N VAL A 299 -14.07 -23.90 28.10
CA VAL A 299 -14.31 -22.59 28.69
C VAL A 299 -15.12 -22.79 29.97
N SER A 300 -14.82 -21.98 30.97
CA SER A 300 -15.49 -22.06 32.26
C SER A 300 -16.99 -21.94 32.11
N ALA A 301 -17.69 -22.64 33.02
CA ALA A 301 -19.13 -22.49 33.12
C ALA A 301 -19.53 -21.03 33.34
N GLU A 302 -18.81 -20.30 34.18
CA GLU A 302 -19.26 -18.93 34.44
C GLU A 302 -19.28 -18.12 33.15
N VAL A 303 -18.30 -18.34 32.26
CA VAL A 303 -18.24 -17.59 31.02
C VAL A 303 -19.27 -18.13 30.00
N ARG A 304 -19.31 -19.44 29.80
CA ARG A 304 -20.19 -20.02 28.80
C ARG A 304 -21.65 -19.74 29.08
N GLU A 305 -22.05 -19.75 30.34
CA GLU A 305 -23.44 -19.62 30.70
C GLU A 305 -23.90 -18.18 30.87
N ASN A 306 -23.02 -17.21 30.58
CA ASN A 306 -23.37 -15.80 30.71
C ASN A 306 -23.99 -15.32 29.41
N PRO A 307 -25.28 -14.96 29.40
CA PRO A 307 -25.90 -14.54 28.13
C PRO A 307 -25.45 -13.18 27.65
N GLY A 308 -24.66 -12.41 28.43
CA GLY A 308 -24.04 -11.21 27.96
C GLY A 308 -22.69 -11.43 27.31
N ILE A 309 -22.28 -12.70 27.25
CA ILE A 309 -21.05 -13.12 26.58
C ILE A 309 -21.40 -13.99 25.40
N TYR A 310 -22.26 -15.00 25.63
CA TYR A 310 -22.88 -15.86 24.61
C TYR A 310 -24.39 -15.60 24.51
N PRO A 311 -24.83 -14.59 23.77
CA PRO A 311 -26.22 -14.22 23.82
C PRO A 311 -27.06 -15.23 23.05
N PRO A 312 -28.32 -15.44 23.46
CA PRO A 312 -29.21 -16.36 22.74
C PRO A 312 -29.76 -15.75 21.44
N ALA A 313 -30.48 -16.58 20.67
CA ALA A 313 -30.85 -16.19 19.30
C ALA A 313 -31.73 -14.94 19.29
N ASP A 314 -32.65 -14.81 20.25
CA ASP A 314 -33.53 -13.65 20.26
C ASP A 314 -32.78 -12.33 20.47
N VAL A 315 -31.62 -12.38 21.08
CA VAL A 315 -30.79 -11.20 21.29
C VAL A 315 -29.90 -10.98 20.08
N ARG A 316 -29.37 -12.09 19.58
CA ARG A 316 -28.55 -12.02 18.37
C ARG A 316 -29.31 -11.44 17.19
N ALA A 317 -30.64 -11.64 17.14
CA ALA A 317 -31.49 -11.10 16.08
C ALA A 317 -31.52 -9.58 16.06
N LYS A 318 -31.16 -8.95 17.17
CA LYS A 318 -31.23 -7.51 17.25
C LYS A 318 -29.88 -6.88 17.06
N LEU A 319 -28.83 -7.68 16.81
CA LEU A 319 -27.48 -7.16 16.70
C LEU A 319 -27.22 -6.69 15.29
N PHE A 320 -26.40 -5.67 15.15
CA PHE A 320 -26.01 -5.15 13.83
C PHE A 320 -24.49 -5.11 13.75
N THR A 321 -23.94 -4.94 12.54
CA THR A 321 -22.51 -4.94 12.30
CA THR A 321 -22.50 -4.95 12.28
C THR A 321 -22.07 -3.66 11.58
N GLN A 322 -20.82 -3.30 11.77
CA GLN A 322 -20.32 -2.02 11.24
C GLN A 322 -20.08 -2.12 9.76
N LYS A 323 -20.56 -1.12 9.05
CA LYS A 323 -20.21 -0.91 7.65
C LYS A 323 -19.14 0.14 7.50
N VAL A 324 -18.35 -0.01 6.45
CA VAL A 324 -17.32 0.96 6.11
C VAL A 324 -17.95 2.08 5.28
N GLN A 325 -17.84 3.29 5.78
CA GLN A 325 -18.50 4.43 5.17
C GLN A 325 -17.62 5.11 4.12
N ASP A 326 -18.29 5.69 3.13
CA ASP A 326 -17.62 6.46 2.10
C ASP A 326 -16.93 7.68 2.71
N PRO A 327 -16.01 8.31 1.96
CA PRO A 327 -15.22 9.39 2.55
C PRO A 327 -16.00 10.62 2.95
N LYS A 328 -17.16 10.93 2.34
CA LYS A 328 -17.93 12.09 2.72
C LYS A 328 -18.61 11.82 4.08
N ILE A 329 -19.22 10.64 4.27
CA ILE A 329 -19.74 10.31 5.59
C ILE A 329 -18.61 10.27 6.60
N ASP A 330 -17.47 9.66 6.25
CA ASP A 330 -16.37 9.64 7.21
C ASP A 330 -16.00 11.06 7.64
N ARG A 331 -15.93 12.02 6.72
CA ARG A 331 -15.59 13.40 7.09
C ARG A 331 -16.64 13.96 8.02
N VAL A 332 -17.92 13.81 7.66
CA VAL A 332 -19.02 14.37 8.45
C VAL A 332 -19.00 13.77 9.85
N ARG A 333 -18.88 12.45 9.94
CA ARG A 333 -18.91 11.77 11.22
C ARG A 333 -17.73 12.18 12.09
N THR A 334 -16.55 12.24 11.49
CA THR A 334 -15.36 12.53 12.26
C THR A 334 -15.36 13.99 12.73
N ARG A 335 -15.78 14.92 11.87
CA ARG A 335 -15.92 16.32 12.29
CA ARG A 335 -15.91 16.31 12.30
C ARG A 335 -16.91 16.43 13.42
N ALA A 336 -18.04 15.75 13.29
CA ALA A 336 -19.06 15.79 14.33
C ALA A 336 -18.52 15.24 15.63
N TRP A 337 -17.74 14.17 15.58
CA TRP A 337 -17.14 13.59 16.79
C TRP A 337 -16.19 14.58 17.48
N THR A 338 -15.37 15.27 16.70
CA THR A 338 -14.49 16.26 17.29
C THR A 338 -15.31 17.37 17.95
N LYS A 339 -16.39 17.81 17.32
CA LYS A 339 -17.24 18.85 17.92
C LYS A 339 -17.83 18.35 19.24
N VAL A 340 -18.32 17.11 19.27
CA VAL A 340 -18.95 16.54 20.47
C VAL A 340 -17.95 16.46 21.60
N LYS A 341 -16.77 15.91 21.33
CA LYS A 341 -15.79 15.72 22.39
C LYS A 341 -15.28 17.05 22.92
N SER A 342 -15.22 18.08 22.10
CA SER A 342 -14.78 19.38 22.61
C SER A 342 -15.95 20.18 23.23
N GLY A 343 -17.09 19.54 23.48
CA GLY A 343 -18.36 20.24 23.58
C GLY A 343 -18.42 21.23 24.74
N LYS A 344 -17.69 20.93 25.83
CA LYS A 344 -17.73 21.76 27.05
C LYS A 344 -16.99 23.09 26.91
N LEU A 345 -16.22 23.32 25.84
CA LEU A 345 -15.36 24.50 25.78
C LEU A 345 -16.17 25.78 25.53
N GLU A 346 -15.69 26.88 26.12
CA GLU A 346 -16.27 28.20 25.95
C GLU A 346 -15.78 28.86 24.67
N HIS A 347 -16.69 29.55 23.96
CA HIS A 347 -16.35 30.24 22.73
C HIS A 347 -16.73 31.71 22.84
N HIS A 348 -16.21 32.51 21.90
CA HIS A 348 -16.30 33.96 21.96
C HIS A 348 -16.71 34.58 20.63
N HIS A 349 -17.28 33.79 19.71
CA HIS A 349 -17.66 34.26 18.36
C HIS A 349 -19.03 34.95 18.48
N GLN B 3 6.52 -27.70 -10.55
CA GLN B 3 6.76 -26.86 -11.74
C GLN B 3 6.34 -25.42 -11.51
N LYS B 4 7.31 -24.52 -11.49
CA LYS B 4 7.02 -23.12 -11.17
C LYS B 4 7.15 -22.27 -12.41
N THR B 5 6.40 -21.15 -12.41
N THR B 5 6.36 -21.21 -12.40
CA THR B 5 6.33 -20.23 -13.54
CA THR B 5 6.35 -20.22 -13.45
C THR B 5 6.54 -18.80 -13.08
C THR B 5 6.86 -18.94 -12.83
N LEU B 6 7.57 -18.18 -13.63
CA LEU B 6 8.02 -16.85 -13.28
C LEU B 6 7.45 -15.84 -14.24
N HIS B 7 6.84 -14.78 -13.72
CA HIS B 7 6.28 -13.72 -14.55
C HIS B 7 7.18 -12.50 -14.51
N ILE B 8 7.59 -11.97 -15.67
CA ILE B 8 8.51 -10.85 -15.77
C ILE B 8 7.85 -9.80 -16.65
N TYR B 9 7.93 -8.52 -16.26
CA TYR B 9 7.40 -7.39 -17.02
C TYR B 9 8.56 -6.45 -17.24
N ASN B 10 8.99 -6.29 -18.49
CA ASN B 10 10.14 -5.48 -18.84
C ASN B 10 9.79 -4.58 -20.02
N TRP B 11 10.69 -3.64 -20.29
CA TRP B 11 10.50 -2.78 -21.46
C TRP B 11 10.53 -3.63 -22.73
N THR B 12 9.85 -3.16 -23.75
CA THR B 12 10.06 -3.71 -25.09
C THR B 12 11.51 -3.52 -25.54
N ASP B 13 11.98 -4.39 -26.43
CA ASP B 13 13.29 -4.17 -27.06
C ASP B 13 14.40 -3.98 -26.02
N TYR B 14 14.46 -4.93 -25.07
CA TYR B 14 15.31 -4.74 -23.88
C TYR B 14 15.79 -6.06 -23.31
N ILE B 15 15.90 -7.09 -24.16
CA ILE B 15 16.49 -8.38 -23.80
C ILE B 15 16.97 -9.02 -25.10
N ALA B 16 17.86 -10.00 -24.98
CA ALA B 16 18.26 -10.70 -26.22
C ALA B 16 17.15 -11.68 -26.58
N PRO B 17 17.06 -12.04 -27.88
CA PRO B 17 15.98 -12.95 -28.30
C PRO B 17 16.00 -14.32 -27.65
N ASP B 18 17.15 -14.79 -27.17
CA ASP B 18 17.28 -16.10 -26.57
C ASP B 18 17.50 -16.09 -25.07
N THR B 19 17.44 -14.93 -24.39
CA THR B 19 17.77 -14.91 -22.96
C THR B 19 16.80 -15.76 -22.15
N VAL B 20 15.49 -15.56 -22.38
CA VAL B 20 14.52 -16.31 -21.60
C VAL B 20 14.59 -17.79 -21.89
N ALA B 21 14.66 -18.18 -23.17
CA ALA B 21 14.72 -19.58 -23.52
C ALA B 21 15.95 -20.24 -22.92
N ASN B 22 17.09 -19.54 -22.91
CA ASN B 22 18.28 -20.09 -22.29
C ASN B 22 18.09 -20.33 -20.81
N PHE B 23 17.46 -19.37 -20.13
CA PHE B 23 17.19 -19.52 -18.71
C PHE B 23 16.28 -20.70 -18.46
N GLU B 24 15.24 -20.85 -19.29
CA GLU B 24 14.31 -21.97 -19.11
C GLU B 24 15.04 -23.29 -19.26
N LYS B 25 15.89 -23.36 -20.26
CA LYS B 25 16.62 -24.60 -20.50
C LYS B 25 17.57 -24.91 -19.35
N GLU B 26 18.21 -23.89 -18.82
CA GLU B 26 19.17 -24.15 -17.75
CA GLU B 26 19.18 -24.13 -17.74
C GLU B 26 18.51 -24.49 -16.42
N THR B 27 17.33 -23.95 -16.14
CA THR B 27 16.76 -24.02 -14.82
C THR B 27 15.53 -24.91 -14.71
N GLY B 28 14.84 -25.17 -15.81
CA GLY B 28 13.57 -25.85 -15.78
C GLY B 28 12.41 -24.99 -15.34
N ILE B 29 12.64 -23.72 -15.11
CA ILE B 29 11.59 -22.78 -14.74
C ILE B 29 10.94 -22.22 -15.99
N LYS B 30 9.61 -22.27 -16.06
CA LYS B 30 8.87 -21.67 -17.16
C LYS B 30 8.74 -20.16 -16.91
N VAL B 31 8.89 -19.38 -17.95
CA VAL B 31 8.85 -17.92 -17.87
C VAL B 31 7.71 -17.41 -18.75
N VAL B 32 6.89 -16.54 -18.18
CA VAL B 32 5.93 -15.72 -18.89
C VAL B 32 6.48 -14.30 -18.92
N TYR B 33 6.77 -13.80 -20.11
CA TYR B 33 7.48 -12.53 -20.30
C TYR B 33 6.58 -11.54 -21.01
N ASP B 34 6.32 -10.43 -20.39
CA ASP B 34 5.42 -9.42 -20.97
C ASP B 34 6.21 -8.11 -21.00
N VAL B 35 5.73 -7.16 -21.85
CA VAL B 35 6.49 -5.95 -22.14
C VAL B 35 5.62 -4.70 -22.18
N PHE B 36 6.27 -3.59 -21.83
CA PHE B 36 5.66 -2.27 -21.80
C PHE B 36 6.64 -1.27 -22.39
N ASP B 37 6.16 -0.08 -22.74
CA ASP B 37 7.04 0.97 -23.24
C ASP B 37 6.90 2.30 -22.49
N SER B 38 6.31 2.29 -21.29
CA SER B 38 6.04 3.49 -20.53
C SER B 38 6.17 3.25 -19.02
N ASN B 39 6.92 4.16 -18.37
CA ASN B 39 6.99 4.11 -16.93
C ASN B 39 5.62 4.37 -16.33
N GLU B 40 4.85 5.30 -16.90
CA GLU B 40 3.53 5.60 -16.37
C GLU B 40 2.58 4.40 -16.43
N VAL B 41 2.68 3.57 -17.48
CA VAL B 41 1.86 2.34 -17.53
C VAL B 41 2.22 1.40 -16.37
N LEU B 42 3.51 1.19 -16.16
CA LEU B 42 3.98 0.29 -15.10
C LEU B 42 3.57 0.83 -13.74
N GLU B 43 3.80 2.14 -13.53
CA GLU B 43 3.45 2.73 -12.24
C GLU B 43 1.95 2.60 -11.97
N GLY B 44 1.12 2.79 -12.99
CA GLY B 44 -0.30 2.64 -12.82
C GLY B 44 -0.67 1.23 -12.36
N LYS B 45 -0.06 0.21 -12.97
CA LYS B 45 -0.33 -1.17 -12.58
C LYS B 45 0.13 -1.43 -11.16
N LEU B 46 1.31 -0.93 -10.80
CA LEU B 46 1.79 -1.18 -9.44
C LEU B 46 0.92 -0.49 -8.40
N MET B 47 0.38 0.70 -8.70
CA MET B 47 -0.43 1.42 -7.72
CA MET B 47 -0.44 1.42 -7.73
C MET B 47 -1.92 1.01 -7.75
N ALA B 48 -2.39 0.32 -8.79
CA ALA B 48 -3.82 0.04 -8.97
C ALA B 48 -4.27 -1.31 -8.43
N GLY B 49 -3.35 -2.14 -8.00
CA GLY B 49 -3.72 -3.47 -7.55
C GLY B 49 -2.53 -4.40 -7.73
N SER B 50 -2.84 -5.69 -7.78
CA SER B 50 -1.78 -6.67 -7.93
C SER B 50 -1.44 -6.80 -9.40
N THR B 51 -0.14 -6.73 -9.70
CA THR B 51 0.30 -6.89 -11.07
C THR B 51 0.39 -8.33 -11.50
N GLY B 52 0.46 -9.26 -10.56
CA GLY B 52 0.77 -10.62 -10.86
C GLY B 52 2.20 -10.88 -11.30
N PHE B 53 3.04 -9.86 -11.38
CA PHE B 53 4.40 -10.11 -11.80
C PHE B 53 5.32 -10.40 -10.63
N ASP B 54 6.32 -11.23 -10.89
CA ASP B 54 7.35 -11.51 -9.91
C ASP B 54 8.53 -10.55 -10.01
N LEU B 55 8.75 -10.01 -11.19
CA LEU B 55 9.81 -9.04 -11.42
C LEU B 55 9.28 -7.96 -12.38
N VAL B 56 9.66 -6.69 -12.14
CA VAL B 56 9.29 -5.56 -12.98
C VAL B 56 10.52 -4.67 -13.12
N VAL B 57 10.50 -3.80 -14.14
CA VAL B 57 11.71 -3.05 -14.51
C VAL B 57 11.43 -1.55 -14.63
N PRO B 58 11.19 -0.82 -13.56
CA PRO B 58 10.98 0.63 -13.66
C PRO B 58 12.29 1.35 -13.86
N SER B 59 12.20 2.60 -14.34
CA SER B 59 13.36 3.47 -14.21
C SER B 59 13.55 3.86 -12.73
N ALA B 60 14.80 4.23 -12.37
CA ALA B 60 15.14 4.45 -10.96
C ALA B 60 14.33 5.55 -10.33
N SER B 61 14.01 6.62 -11.07
CA SER B 61 13.15 7.69 -10.53
CA SER B 61 13.18 7.66 -10.47
C SER B 61 11.74 7.19 -10.23
N TYR B 62 11.25 6.21 -11.01
CA TYR B 62 9.94 5.61 -10.77
C TYR B 62 10.00 4.62 -9.60
N LEU B 63 11.09 3.88 -9.43
CA LEU B 63 11.22 3.09 -8.21
C LEU B 63 11.21 4.00 -6.98
N GLU B 64 11.99 5.09 -7.04
CA GLU B 64 12.11 5.99 -5.91
C GLU B 64 10.73 6.47 -5.47
N ARG B 65 9.89 6.91 -6.41
CA ARG B 65 8.62 7.53 -6.00
C ARG B 65 7.58 6.54 -5.50
N GLN B 66 7.77 5.26 -5.77
CA GLN B 66 6.86 4.24 -5.28
C GLN B 66 7.38 3.50 -4.05
N LEU B 67 8.61 3.76 -3.60
CA LEU B 67 9.14 3.06 -2.41
C LEU B 67 8.22 3.19 -1.23
N THR B 68 7.81 4.41 -0.87
CA THR B 68 7.08 4.55 0.39
C THR B 68 5.67 4.05 0.28
N ALA B 69 5.20 3.78 -0.93
CA ALA B 69 3.91 3.14 -1.10
C ALA B 69 3.98 1.67 -0.76
N GLY B 70 5.17 1.13 -0.60
CA GLY B 70 5.32 -0.25 -0.17
C GLY B 70 5.10 -1.24 -1.28
N VAL B 71 5.21 -0.80 -2.52
CA VAL B 71 4.87 -1.71 -3.61
C VAL B 71 5.97 -2.74 -3.90
N PHE B 72 7.20 -2.52 -3.39
CA PHE B 72 8.32 -3.40 -3.64
C PHE B 72 8.80 -4.04 -2.35
N GLN B 73 9.36 -5.20 -2.50
CA GLN B 73 10.03 -5.79 -1.34
C GLN B 73 11.54 -5.76 -1.46
N PRO B 74 12.23 -5.62 -0.34
CA PRO B 74 13.69 -5.54 -0.35
C PRO B 74 14.29 -6.81 -0.91
N LEU B 75 15.35 -6.65 -1.69
CA LEU B 75 16.01 -7.80 -2.34
C LEU B 75 16.89 -8.52 -1.33
N ASP B 76 16.68 -9.84 -1.18
CA ASP B 76 17.48 -10.62 -0.25
C ASP B 76 18.79 -10.95 -0.98
N LYS B 77 19.87 -10.24 -0.61
CA LYS B 77 21.13 -10.38 -1.31
C LYS B 77 21.79 -11.71 -1.01
N SER B 78 21.32 -12.41 0.02
CA SER B 78 21.83 -13.75 0.28
C SER B 78 21.40 -14.70 -0.83
N LYS B 79 20.41 -14.32 -1.65
CA LYS B 79 20.00 -15.16 -2.76
C LYS B 79 20.53 -14.69 -4.10
N LEU B 80 21.49 -13.75 -4.08
CA LEU B 80 22.08 -13.16 -5.28
C LEU B 80 23.59 -13.23 -5.13
N PRO B 81 24.17 -14.43 -5.17
CA PRO B 81 25.62 -14.55 -4.98
C PRO B 81 26.45 -13.79 -6.00
N GLU B 82 25.92 -13.50 -7.20
CA GLU B 82 26.65 -12.78 -8.24
CA GLU B 82 26.62 -12.78 -8.25
C GLU B 82 26.46 -11.27 -8.14
N TRP B 83 25.84 -10.77 -7.07
CA TRP B 83 25.65 -9.33 -6.95
C TRP B 83 26.99 -8.60 -6.96
N LYS B 84 28.05 -9.27 -6.54
CA LYS B 84 29.37 -8.70 -6.57
C LYS B 84 29.85 -8.35 -7.97
N ASN B 85 29.17 -8.83 -9.02
CA ASN B 85 29.59 -8.45 -10.37
C ASN B 85 29.17 -7.03 -10.74
N LEU B 86 28.25 -6.41 -9.98
CA LEU B 86 27.78 -5.08 -10.31
C LEU B 86 28.85 -4.05 -10.01
N ASP B 87 28.90 -3.02 -10.83
CA ASP B 87 29.92 -1.97 -10.68
C ASP B 87 29.61 -1.15 -9.43
N PRO B 88 30.53 -1.08 -8.47
CA PRO B 88 30.23 -0.32 -7.22
C PRO B 88 29.95 1.16 -7.44
N GLU B 89 30.56 1.78 -8.45
CA GLU B 89 30.32 3.22 -8.64
C GLU B 89 28.95 3.45 -9.23
N LEU B 90 28.47 2.54 -10.07
CA LEU B 90 27.11 2.64 -10.58
C LEU B 90 26.08 2.37 -9.46
N LEU B 91 26.38 1.41 -8.58
CA LEU B 91 25.49 1.17 -7.44
C LEU B 91 25.32 2.45 -6.60
N LYS B 92 26.39 3.23 -6.44
CA LYS B 92 26.29 4.45 -5.64
C LYS B 92 25.40 5.48 -6.31
N LEU B 93 25.48 5.58 -7.63
CA LEU B 93 24.58 6.50 -8.34
C LEU B 93 23.12 6.08 -8.21
N VAL B 94 22.84 4.78 -8.35
CA VAL B 94 21.47 4.34 -8.25
C VAL B 94 20.95 4.49 -6.84
N ALA B 95 21.85 4.44 -5.85
CA ALA B 95 21.47 4.49 -4.45
C ALA B 95 20.88 5.85 -4.11
N LYS B 96 21.04 6.85 -4.98
CA LYS B 96 20.36 8.10 -4.68
C LYS B 96 18.85 7.95 -4.75
N HIS B 97 18.38 6.95 -5.49
CA HIS B 97 16.98 6.60 -5.64
C HIS B 97 16.56 5.45 -4.72
N ASP B 98 17.52 4.73 -4.10
CA ASP B 98 17.26 3.44 -3.43
C ASP B 98 18.36 3.35 -2.41
N PRO B 99 18.25 4.02 -1.26
CA PRO B 99 19.37 4.08 -0.31
C PRO B 99 19.91 2.70 0.07
N ASP B 100 21.25 2.56 0.01
CA ASP B 100 21.94 1.30 0.29
CA ASP B 100 21.99 1.30 0.21
C ASP B 100 21.56 0.15 -0.66
N ASN B 101 20.99 0.47 -1.83
CA ASN B 101 20.66 -0.51 -2.86
C ASN B 101 19.81 -1.65 -2.33
N LYS B 102 18.79 -1.32 -1.54
CA LYS B 102 18.02 -2.35 -0.86
C LYS B 102 16.97 -2.99 -1.78
N PHE B 103 16.39 -2.21 -2.69
CA PHE B 103 15.19 -2.62 -3.43
C PHE B 103 15.42 -2.93 -4.90
N ALA B 104 16.55 -2.55 -5.49
CA ALA B 104 16.64 -2.57 -6.94
C ALA B 104 17.98 -3.04 -7.42
N MET B 105 17.95 -3.81 -8.50
CA MET B 105 19.14 -4.29 -9.19
CA MET B 105 19.13 -4.27 -9.19
C MET B 105 19.35 -3.44 -10.44
N PRO B 106 20.40 -2.67 -10.55
CA PRO B 106 20.61 -1.89 -11.79
C PRO B 106 20.80 -2.82 -12.98
N TYR B 107 20.12 -2.50 -14.06
CA TYR B 107 20.08 -3.32 -15.26
C TYR B 107 20.82 -2.67 -16.43
N MET B 108 20.36 -1.52 -16.91
CA MET B 108 20.96 -0.79 -17.99
C MET B 108 20.86 0.69 -17.71
N TRP B 109 21.73 1.45 -18.37
CA TRP B 109 21.64 2.90 -18.25
CA TRP B 109 21.84 2.90 -18.20
C TRP B 109 21.95 3.53 -19.59
N ALA B 110 21.29 4.68 -19.84
CA ALA B 110 21.50 5.42 -21.08
C ALA B 110 20.95 6.84 -20.98
N THR B 111 20.76 7.46 -22.11
CA THR B 111 20.36 8.86 -22.23
C THR B 111 19.18 9.02 -23.19
N THR B 112 18.55 10.19 -23.10
CA THR B 112 17.42 10.57 -23.93
C THR B 112 17.88 11.68 -24.86
N GLY B 113 17.97 11.38 -26.13
CA GLY B 113 18.55 12.29 -27.10
C GLY B 113 17.76 12.34 -28.39
N ILE B 114 18.43 12.55 -29.51
CA ILE B 114 17.79 12.66 -30.82
C ILE B 114 18.29 11.54 -31.70
N GLY B 115 17.36 10.76 -32.21
CA GLY B 115 17.65 9.82 -33.28
C GLY B 115 17.26 10.44 -34.61
N TYR B 116 18.12 10.22 -35.60
CA TYR B 116 17.82 10.84 -36.87
C TYR B 116 18.38 10.08 -38.05
N ASN B 117 17.76 10.35 -39.21
CA ASN B 117 18.19 9.87 -40.51
C ASN B 117 19.24 10.84 -41.04
N VAL B 118 20.49 10.43 -41.07
CA VAL B 118 21.60 11.34 -41.38
C VAL B 118 21.41 12.00 -42.73
N ASP B 119 21.11 11.19 -43.75
CA ASP B 119 21.08 11.71 -45.10
C ASP B 119 19.84 12.56 -45.35
N LYS B 120 18.68 12.16 -44.81
CA LYS B 120 17.49 12.97 -45.03
C LYS B 120 17.58 14.30 -44.31
N VAL B 121 18.08 14.32 -43.07
CA VAL B 121 18.26 15.59 -42.38
C VAL B 121 19.16 16.52 -43.16
N LYS B 122 20.27 15.99 -43.67
CA LYS B 122 21.17 16.83 -44.49
C LYS B 122 20.52 17.28 -45.79
N ALA B 123 19.67 16.45 -46.38
CA ALA B 123 18.97 16.85 -47.59
C ALA B 123 18.01 18.00 -47.32
N VAL B 124 17.28 17.96 -46.21
CA VAL B 124 16.28 18.97 -45.89
C VAL B 124 16.92 20.21 -45.26
N LEU B 125 17.86 20.04 -44.31
CA LEU B 125 18.45 21.21 -43.61
C LEU B 125 19.87 21.62 -44.04
N GLY B 126 20.53 20.85 -44.91
CA GLY B 126 21.88 21.18 -45.36
C GLY B 126 22.94 20.35 -44.64
N GLU B 127 24.17 20.37 -45.21
CA GLU B 127 25.24 19.50 -44.72
C GLU B 127 25.61 19.82 -43.28
N ASN B 128 25.46 21.09 -42.87
CA ASN B 128 25.75 21.54 -41.51
C ASN B 128 24.49 21.64 -40.68
N ALA B 129 23.51 20.78 -40.94
CA ALA B 129 22.36 20.61 -40.05
C ALA B 129 22.85 20.46 -38.61
N PRO B 130 22.16 21.06 -37.63
CA PRO B 130 22.68 21.13 -36.23
C PRO B 130 22.39 19.86 -35.45
N VAL B 131 22.98 18.75 -35.90
CA VAL B 131 22.71 17.44 -35.34
C VAL B 131 23.32 17.27 -33.98
N ASP B 132 24.13 18.23 -33.53
CA ASP B 132 24.72 18.18 -32.21
C ASP B 132 23.93 19.04 -31.23
N SER B 133 22.72 19.44 -31.57
CA SER B 133 21.98 20.42 -30.78
C SER B 133 20.50 20.07 -30.77
N TRP B 134 19.87 20.37 -29.64
CA TRP B 134 18.42 20.25 -29.57
C TRP B 134 17.73 21.20 -30.54
N ASP B 135 18.44 22.19 -31.05
CA ASP B 135 17.89 23.02 -32.13
C ASP B 135 17.35 22.18 -33.31
N LEU B 136 17.92 20.99 -33.56
CA LEU B 136 17.48 20.16 -34.68
C LEU B 136 16.00 19.89 -34.62
N ILE B 137 15.48 19.67 -33.41
CA ILE B 137 14.13 19.15 -33.19
C ILE B 137 13.27 20.10 -32.35
N LEU B 138 13.85 21.11 -31.69
CA LEU B 138 13.06 22.00 -30.83
C LEU B 138 12.98 23.44 -31.34
N LYS B 139 13.66 23.73 -32.43
CA LYS B 139 13.54 25.01 -33.05
C LYS B 139 12.42 24.91 -34.08
N PRO B 140 11.38 25.75 -33.97
CA PRO B 140 10.22 25.57 -34.86
C PRO B 140 10.54 25.70 -36.34
N GLU B 141 11.46 26.59 -36.71
CA GLU B 141 11.81 26.72 -38.13
C GLU B 141 12.43 25.44 -38.68
N ASN B 142 13.14 24.69 -37.85
CA ASN B 142 13.70 23.43 -38.36
C ASN B 142 12.64 22.36 -38.45
N LEU B 143 11.78 22.29 -37.44
CA LEU B 143 10.72 21.29 -37.44
C LEU B 143 9.75 21.52 -38.58
N GLU B 144 9.56 22.75 -39.01
CA GLU B 144 8.66 22.98 -40.12
C GLU B 144 9.22 22.40 -41.40
N LYS B 145 10.53 22.46 -41.54
CA LYS B 145 11.17 21.91 -42.71
C LYS B 145 11.20 20.39 -42.67
N LEU B 146 11.30 19.78 -41.49
CA LEU B 146 11.32 18.33 -41.30
C LEU B 146 9.93 17.68 -41.26
N LYS B 147 8.85 18.45 -41.27
CA LYS B 147 7.53 17.90 -41.02
C LYS B 147 7.23 16.74 -41.95
N SER B 148 7.54 16.88 -43.24
CA SER B 148 7.06 15.87 -44.17
C SER B 148 7.89 14.62 -44.08
N CYS B 149 9.20 14.74 -43.77
CA CYS B 149 9.97 13.51 -43.64
CA CYS B 149 10.03 13.56 -43.59
C CYS B 149 9.68 12.78 -42.34
N GLY B 150 8.98 13.42 -41.41
CA GLY B 150 8.46 12.71 -40.25
C GLY B 150 9.22 12.98 -38.98
N VAL B 151 8.50 13.49 -37.97
CA VAL B 151 9.03 13.84 -36.64
C VAL B 151 8.25 13.05 -35.60
N SER B 152 8.95 12.34 -34.71
CA SER B 152 8.27 11.74 -33.57
C SER B 152 8.82 12.26 -32.24
N PHE B 153 7.96 12.33 -31.24
CA PHE B 153 8.38 12.60 -29.89
C PHE B 153 8.04 11.38 -29.04
N LEU B 154 8.79 11.15 -27.96
CA LEU B 154 8.40 10.09 -27.01
C LEU B 154 7.04 10.42 -26.42
N ASP B 155 6.29 9.37 -26.08
CA ASP B 155 5.07 9.55 -25.30
C ASP B 155 5.40 9.47 -23.82
N ASP B 156 6.19 10.44 -23.40
CA ASP B 156 6.77 10.46 -22.04
C ASP B 156 6.76 11.91 -21.60
N PRO B 157 5.76 12.31 -20.81
CA PRO B 157 5.64 13.73 -20.45
C PRO B 157 6.80 14.22 -19.62
N GLU B 158 7.32 13.41 -18.70
CA GLU B 158 8.44 13.84 -17.89
C GLU B 158 9.66 14.13 -18.73
N GLU B 159 9.97 13.22 -19.66
CA GLU B 159 11.13 13.36 -20.55
C GLU B 159 10.99 14.58 -21.42
N VAL B 160 9.81 14.75 -22.01
CA VAL B 160 9.60 15.85 -22.95
C VAL B 160 9.66 17.20 -22.24
N PHE B 161 9.01 17.34 -21.08
CA PHE B 161 9.06 18.64 -20.41
C PHE B 161 10.45 18.93 -19.87
N ALA B 162 11.16 17.94 -19.35
CA ALA B 162 12.48 18.23 -18.83
C ALA B 162 13.40 18.70 -19.95
N THR B 163 13.32 18.05 -21.13
CA THR B 163 14.17 18.48 -22.24
C THR B 163 13.82 19.87 -22.72
N VAL B 164 12.51 20.18 -22.81
CA VAL B 164 12.10 21.53 -23.23
C VAL B 164 12.56 22.59 -22.24
N LEU B 165 12.43 22.32 -20.95
CA LEU B 165 12.85 23.28 -19.95
C LEU B 165 14.35 23.52 -20.02
N ASN B 166 15.13 22.47 -20.16
CA ASN B 166 16.56 22.65 -20.28
C ASN B 166 16.91 23.49 -21.51
N TYR B 167 16.26 23.22 -22.64
CA TYR B 167 16.49 23.95 -23.89
C TYR B 167 16.16 25.44 -23.74
N LEU B 168 15.13 25.75 -22.98
CA LEU B 168 14.76 27.14 -22.70
C LEU B 168 15.61 27.79 -21.61
N GLY B 169 16.62 27.10 -21.07
CA GLY B 169 17.46 27.73 -20.08
C GLY B 169 16.91 27.69 -18.68
N LYS B 170 15.88 26.87 -18.44
CA LYS B 170 15.30 26.68 -17.13
C LYS B 170 15.89 25.41 -16.53
N ASP B 171 15.68 25.26 -15.23
CA ASP B 171 16.01 24.01 -14.55
C ASP B 171 15.22 22.89 -15.21
N PRO B 172 15.88 21.82 -15.72
CA PRO B 172 15.11 20.70 -16.30
C PRO B 172 14.07 20.14 -15.35
N ASN B 173 14.36 20.22 -14.05
CA ASN B 173 13.45 19.80 -12.98
C ASN B 173 12.78 20.97 -12.28
N SER B 174 12.46 22.03 -13.03
CA SER B 174 11.85 23.20 -12.42
C SER B 174 10.67 22.81 -11.54
N THR B 175 10.56 23.49 -10.38
CA THR B 175 9.44 23.33 -9.46
C THR B 175 8.48 24.52 -9.54
N LYS B 176 8.65 25.37 -10.56
CA LYS B 176 7.82 26.57 -10.71
C LYS B 176 6.73 26.28 -11.77
N ALA B 177 5.47 26.30 -11.32
CA ALA B 177 4.37 25.99 -12.23
C ALA B 177 4.39 26.83 -13.49
N ASP B 178 4.69 28.12 -13.38
CA ASP B 178 4.63 29.01 -14.54
C ASP B 178 5.59 28.61 -15.65
N ASP B 179 6.71 27.95 -15.32
CA ASP B 179 7.61 27.49 -16.38
C ASP B 179 6.94 26.49 -17.30
N TYR B 180 6.04 25.65 -16.73
CA TYR B 180 5.31 24.61 -17.48
C TYR B 180 4.16 25.21 -18.28
N THR B 181 3.32 26.03 -17.63
CA THR B 181 2.14 26.56 -18.30
C THR B 181 2.49 27.67 -19.28
N GLY B 182 3.60 28.35 -19.04
CA GLY B 182 4.03 29.42 -19.91
C GLY B 182 5.00 28.98 -20.95
N PRO B 183 6.30 29.21 -20.75
CA PRO B 183 7.23 29.00 -21.87
C PRO B 183 7.33 27.56 -22.39
N ALA B 184 7.31 26.52 -21.53
CA ALA B 184 7.36 25.15 -22.06
C ALA B 184 6.16 24.86 -22.95
N THR B 185 4.97 25.18 -22.47
CA THR B 185 3.78 24.92 -23.25
C THR B 185 3.80 25.76 -24.53
N ASP B 186 4.25 27.03 -24.43
CA ASP B 186 4.28 27.89 -25.61
C ASP B 186 5.12 27.24 -26.70
N LEU B 187 6.32 26.77 -26.36
CA LEU B 187 7.18 26.19 -27.38
C LEU B 187 6.61 24.89 -27.92
N LEU B 188 6.12 24.01 -27.04
CA LEU B 188 5.52 22.75 -27.51
C LEU B 188 4.33 22.98 -28.44
N LEU B 189 3.49 23.99 -28.18
CA LEU B 189 2.36 24.23 -29.08
C LEU B 189 2.85 24.75 -30.42
N LYS B 190 3.96 25.49 -30.43
CA LYS B 190 4.54 25.92 -31.69
C LYS B 190 5.09 24.75 -32.50
N LEU B 191 5.69 23.76 -31.83
CA LEU B 191 6.24 22.56 -32.48
C LEU B 191 5.16 21.58 -32.92
N ARG B 192 4.03 21.53 -32.19
CA ARG B 192 3.06 20.44 -32.31
C ARG B 192 2.53 20.22 -33.73
N PRO B 193 2.25 21.23 -34.53
CA PRO B 193 1.74 20.99 -35.90
C PRO B 193 2.67 20.13 -36.71
N ASN B 194 3.95 20.11 -36.37
CA ASN B 194 4.94 19.44 -37.21
C ASN B 194 5.35 18.09 -36.69
N ILE B 195 4.75 17.66 -35.57
CA ILE B 195 5.00 16.35 -34.99
C ILE B 195 4.01 15.32 -35.55
N ARG B 196 4.53 14.26 -36.13
CA ARG B 196 3.63 13.25 -36.69
C ARG B 196 2.93 12.44 -35.60
N TYR B 197 3.67 12.00 -34.58
CA TYR B 197 3.06 11.24 -33.51
C TYR B 197 3.92 11.33 -32.27
N PHE B 198 3.25 10.99 -31.16
CA PHE B 198 3.88 10.77 -29.86
C PHE B 198 3.83 9.28 -29.57
N HIS B 199 4.98 8.65 -29.49
CA HIS B 199 5.01 7.21 -29.29
C HIS B 199 6.38 6.84 -28.83
N SER B 200 6.48 5.90 -27.87
CA SER B 200 7.75 5.56 -27.28
C SER B 200 8.31 4.25 -27.73
N SER B 201 7.73 3.66 -28.77
CA SER B 201 8.37 2.47 -29.35
C SER B 201 8.28 2.35 -30.88
N GLN B 202 7.28 2.92 -31.52
CA GLN B 202 7.17 2.76 -32.97
CA GLN B 202 7.15 2.78 -32.96
C GLN B 202 8.29 3.47 -33.71
N TYR B 203 8.91 4.45 -33.09
CA TYR B 203 9.97 5.19 -33.71
C TYR B 203 11.19 4.35 -34.04
N ILE B 204 11.42 3.18 -33.44
CA ILE B 204 12.60 2.40 -33.75
C ILE B 204 12.48 1.86 -35.18
N ASN B 205 11.42 1.11 -35.46
CA ASN B 205 11.26 0.60 -36.83
C ASN B 205 11.07 1.73 -37.83
N ASP B 206 10.37 2.82 -37.48
CA ASP B 206 10.20 3.90 -38.44
C ASP B 206 11.51 4.59 -38.77
N LEU B 207 12.40 4.79 -37.79
CA LEU B 207 13.73 5.29 -38.16
C LEU B 207 14.46 4.28 -39.04
N ALA B 208 14.41 3.01 -38.68
CA ALA B 208 15.20 2.01 -39.41
C ALA B 208 14.80 1.92 -40.88
N ASN B 209 13.50 2.05 -41.18
CA ASN B 209 12.96 1.91 -42.52
C ASN B 209 12.95 3.21 -43.32
N GLY B 210 13.31 4.35 -42.71
CA GLY B 210 13.31 5.63 -43.40
C GLY B 210 11.98 6.35 -43.37
N ASP B 211 11.05 5.90 -42.53
CA ASP B 211 9.73 6.52 -42.46
C ASP B 211 9.63 7.74 -41.54
N ILE B 212 10.47 7.84 -40.52
CA ILE B 212 10.60 9.01 -39.64
CA ILE B 212 10.59 9.04 -39.73
C ILE B 212 12.03 9.51 -39.84
N CYS B 213 12.22 10.80 -39.90
CA CYS B 213 13.57 11.33 -40.07
CA CYS B 213 13.55 11.38 -40.08
C CYS B 213 14.20 11.86 -38.79
N VAL B 214 13.41 12.24 -37.77
CA VAL B 214 13.97 12.73 -36.51
C VAL B 214 13.03 12.28 -35.41
N ALA B 215 13.60 11.88 -34.26
CA ALA B 215 12.84 11.37 -33.13
C ALA B 215 13.54 11.79 -31.85
N ILE B 216 12.75 12.19 -30.86
CA ILE B 216 13.27 12.10 -29.50
C ILE B 216 13.27 10.63 -29.13
N GLY B 217 14.42 10.11 -28.69
CA GLY B 217 14.52 8.69 -28.47
C GLY B 217 15.51 8.32 -27.37
N TRP B 218 15.38 7.10 -26.89
CA TRP B 218 16.33 6.53 -25.95
C TRP B 218 17.50 5.91 -26.71
N ALA B 219 18.72 6.14 -26.22
CA ALA B 219 19.91 5.91 -27.03
C ALA B 219 19.94 4.52 -27.64
N GLY B 220 19.86 3.51 -26.80
CA GLY B 220 19.98 2.13 -27.32
C GLY B 220 18.89 1.77 -28.32
N ASP B 221 17.69 2.33 -28.13
CA ASP B 221 16.62 2.13 -29.11
C ASP B 221 17.05 2.65 -30.49
N VAL B 222 17.69 3.83 -30.53
CA VAL B 222 18.10 4.40 -31.81
C VAL B 222 19.27 3.60 -32.38
N TRP B 223 20.21 3.17 -31.53
CA TRP B 223 21.26 2.29 -32.04
C TRP B 223 20.71 0.96 -32.58
N GLN B 224 19.65 0.41 -31.98
CA GLN B 224 18.99 -0.77 -32.55
C GLN B 224 18.39 -0.43 -33.90
N ALA B 225 17.79 0.76 -34.03
CA ALA B 225 17.26 1.15 -35.36
C ALA B 225 18.37 1.21 -36.39
N SER B 226 19.51 1.82 -36.04
CA SER B 226 20.66 1.90 -36.94
C SER B 226 21.13 0.51 -37.35
N ASN B 227 21.15 -0.43 -36.40
CA ASN B 227 21.65 -1.76 -36.69
C ASN B 227 20.64 -2.52 -37.53
N ARG B 228 19.34 -2.32 -37.26
CA ARG B 228 18.31 -2.98 -38.08
C ARG B 228 18.41 -2.53 -39.54
N ALA B 229 18.65 -1.24 -39.78
CA ALA B 229 18.82 -0.77 -41.15
C ALA B 229 20.07 -1.35 -41.79
N LYS B 230 21.15 -1.45 -41.01
CA LYS B 230 22.37 -2.02 -41.55
C LYS B 230 22.20 -3.49 -41.91
N GLU B 231 21.52 -4.24 -41.06
CA GLU B 231 21.32 -5.66 -41.34
C GLU B 231 20.36 -5.87 -42.52
N ALA B 232 19.42 -4.96 -42.71
CA ALA B 232 18.49 -4.97 -43.83
C ALA B 232 19.15 -4.52 -45.12
N LYS B 233 20.33 -3.93 -45.06
CA LYS B 233 21.04 -3.47 -46.26
C LYS B 233 20.18 -2.52 -47.07
N ASN B 234 19.47 -1.63 -46.36
CA ASN B 234 18.46 -0.77 -46.96
C ASN B 234 18.95 0.65 -47.29
N GLY B 235 20.23 0.93 -47.09
CA GLY B 235 20.81 2.23 -47.41
C GLY B 235 20.42 3.36 -46.47
N VAL B 236 19.71 3.09 -45.36
CA VAL B 236 19.29 4.11 -44.41
C VAL B 236 20.39 4.23 -43.36
N ASN B 237 20.83 5.46 -43.10
CA ASN B 237 21.85 5.74 -42.07
C ASN B 237 21.17 6.47 -40.93
N VAL B 238 21.00 5.77 -39.80
CA VAL B 238 20.43 6.34 -38.59
C VAL B 238 21.59 6.57 -37.63
N SER B 239 21.57 7.72 -36.96
CA SER B 239 22.50 8.01 -35.89
C SER B 239 21.75 8.60 -34.71
N PHE B 240 22.50 8.78 -33.62
CA PHE B 240 21.99 9.29 -32.35
C PHE B 240 22.91 10.40 -31.85
N SER B 241 22.29 11.43 -31.26
CA SER B 241 23.01 12.57 -30.71
CA SER B 241 23.02 12.56 -30.69
C SER B 241 22.60 12.78 -29.25
N ILE B 242 23.59 12.90 -28.38
CA ILE B 242 23.43 13.42 -27.01
C ILE B 242 23.75 14.90 -27.20
N PRO B 243 22.77 15.80 -27.25
CA PRO B 243 23.06 17.15 -27.74
C PRO B 243 23.92 17.95 -26.78
N LYS B 244 24.51 19.02 -27.33
CA LYS B 244 25.49 19.81 -26.58
C LYS B 244 24.88 20.58 -25.43
N GLU B 245 23.55 20.81 -25.42
CA GLU B 245 22.89 21.50 -24.30
C GLU B 245 22.61 20.60 -23.11
N GLY B 246 22.95 19.34 -23.23
CA GLY B 246 22.70 18.36 -22.19
C GLY B 246 21.48 17.51 -22.51
N ALA B 247 21.31 16.48 -21.71
CA ALA B 247 20.26 15.49 -21.91
C ALA B 247 19.99 14.74 -20.60
N MET B 248 18.79 14.18 -20.53
CA MET B 248 18.45 13.26 -19.45
C MET B 248 19.25 11.96 -19.52
N ALA B 249 19.73 11.54 -18.38
CA ALA B 249 20.31 10.20 -18.21
C ALA B 249 19.53 9.44 -17.14
N TRP B 250 19.57 8.10 -17.19
CA TRP B 250 18.68 7.32 -16.35
C TRP B 250 19.21 5.90 -16.25
N PHE B 251 18.76 5.21 -15.20
CA PHE B 251 18.98 3.81 -15.03
C PHE B 251 17.62 3.16 -15.03
N ASP B 252 17.55 1.97 -15.61
CA ASP B 252 16.42 1.07 -15.38
C ASP B 252 16.90 -0.03 -14.46
N VAL B 253 16.00 -0.48 -13.60
CA VAL B 253 16.35 -1.42 -12.54
C VAL B 253 15.32 -2.51 -12.48
N PHE B 254 15.77 -3.74 -12.12
CA PHE B 254 14.83 -4.81 -11.78
C PHE B 254 14.41 -4.65 -10.32
N ALA B 255 13.14 -4.90 -10.05
CA ALA B 255 12.61 -4.87 -8.71
C ALA B 255 11.56 -5.94 -8.56
N MET B 256 11.25 -6.26 -7.31
CA MET B 256 10.35 -7.37 -7.01
C MET B 256 9.10 -6.82 -6.34
N PRO B 257 7.92 -6.93 -6.95
CA PRO B 257 6.70 -6.51 -6.28
C PRO B 257 6.56 -7.22 -4.93
N ALA B 258 5.99 -6.48 -3.97
CA ALA B 258 5.84 -6.99 -2.63
C ALA B 258 4.97 -8.22 -2.56
N ASP B 259 4.07 -8.40 -3.51
CA ASP B 259 3.19 -9.55 -3.48
C ASP B 259 3.65 -10.67 -4.42
N ALA B 260 4.90 -10.64 -4.85
CA ALA B 260 5.36 -11.65 -5.80
C ALA B 260 5.18 -13.06 -5.25
N LYS B 261 4.63 -13.93 -6.11
CA LYS B 261 4.33 -15.30 -5.75
C LYS B 261 5.60 -16.13 -5.69
N ASN B 262 6.44 -16.02 -6.71
CA ASN B 262 7.52 -16.98 -6.91
C ASN B 262 8.86 -16.28 -6.71
N LYS B 263 9.15 -15.96 -5.45
CA LYS B 263 10.37 -15.22 -5.17
C LYS B 263 11.63 -16.01 -5.41
N ASP B 264 11.67 -17.31 -5.05
CA ASP B 264 12.91 -18.05 -5.31
C ASP B 264 13.24 -18.08 -6.79
N GLU B 265 12.22 -18.30 -7.65
CA GLU B 265 12.50 -18.31 -9.09
C GLU B 265 12.89 -16.94 -9.58
N ALA B 266 12.33 -15.90 -8.99
CA ALA B 266 12.72 -14.56 -9.37
C ALA B 266 14.18 -14.27 -9.00
N TYR B 267 14.62 -14.69 -7.81
CA TYR B 267 16.03 -14.55 -7.47
C TYR B 267 16.93 -15.35 -8.41
N GLN B 268 16.48 -16.54 -8.86
CA GLN B 268 17.27 -17.28 -9.82
C GLN B 268 17.44 -16.49 -11.13
N PHE B 269 16.39 -15.80 -11.56
CA PHE B 269 16.51 -15.04 -12.81
C PHE B 269 17.41 -13.82 -12.60
N LEU B 270 17.28 -13.15 -11.47
CA LEU B 270 18.14 -11.99 -11.22
C LEU B 270 19.60 -12.42 -11.18
N ASN B 271 19.88 -13.52 -10.49
CA ASN B 271 21.25 -14.04 -10.42
C ASN B 271 21.74 -14.47 -11.79
N TYR B 272 20.84 -14.98 -12.64
CA TYR B 272 21.19 -15.28 -14.02
C TYR B 272 21.58 -14.02 -14.78
N LEU B 273 20.81 -12.95 -14.63
CA LEU B 273 21.13 -11.66 -15.23
C LEU B 273 22.43 -11.07 -14.73
N LEU B 274 22.87 -11.45 -13.53
CA LEU B 274 24.15 -10.99 -12.99
C LEU B 274 25.32 -11.79 -13.56
N ARG B 275 25.07 -12.87 -14.29
N ARG B 275 25.05 -12.87 -14.30
CA ARG B 275 26.18 -13.63 -14.83
CA ARG B 275 26.14 -13.65 -14.89
C ARG B 275 26.77 -12.85 -15.99
C ARG B 275 26.76 -12.84 -16.02
N PRO B 276 28.09 -12.70 -16.06
CA PRO B 276 28.66 -11.78 -17.05
C PRO B 276 28.29 -12.10 -18.49
N ASP B 277 28.29 -13.38 -18.89
CA ASP B 277 27.97 -13.70 -20.28
C ASP B 277 26.52 -13.36 -20.61
N VAL B 278 25.63 -13.52 -19.64
CA VAL B 278 24.21 -13.31 -19.88
C VAL B 278 23.94 -11.85 -20.21
N VAL B 279 24.41 -10.95 -19.35
CA VAL B 279 24.05 -9.55 -19.52
C VAL B 279 24.87 -8.93 -20.66
N ALA B 280 26.12 -9.35 -20.87
CA ALA B 280 26.87 -8.88 -22.04
C ALA B 280 26.16 -9.23 -23.33
N HIS B 281 25.63 -10.45 -23.42
CA HIS B 281 24.88 -10.85 -24.61
C HIS B 281 23.66 -9.96 -24.82
N ILE B 282 22.96 -9.58 -23.74
CA ILE B 282 21.84 -8.65 -23.85
C ILE B 282 22.31 -7.31 -24.43
N SER B 283 23.39 -6.74 -23.84
CA SER B 283 23.86 -5.44 -24.31
C SER B 283 24.27 -5.50 -25.79
N ASP B 284 24.80 -6.64 -26.25
CA ASP B 284 25.18 -6.78 -27.65
C ASP B 284 23.98 -6.64 -28.56
N HIS B 285 22.81 -7.08 -28.11
CA HIS B 285 21.60 -7.07 -28.91
CA HIS B 285 21.61 -7.07 -28.93
C HIS B 285 20.80 -5.80 -28.81
N VAL B 286 20.82 -5.15 -27.64
CA VAL B 286 19.98 -3.98 -27.40
C VAL B 286 20.72 -2.67 -27.43
N PHE B 287 22.07 -2.69 -27.52
CA PHE B 287 22.87 -1.46 -27.64
C PHE B 287 22.74 -0.50 -26.47
N TYR B 288 22.63 -1.09 -25.27
CA TYR B 288 22.59 -0.35 -24.00
C TYR B 288 23.74 -0.79 -23.11
N ALA B 289 24.30 0.17 -22.38
CA ALA B 289 25.29 -0.15 -21.36
C ALA B 289 24.63 -0.84 -20.17
N ASN B 290 25.20 -1.97 -19.74
CA ASN B 290 24.71 -2.60 -18.52
C ASN B 290 25.47 -2.02 -17.30
N ALA B 291 25.12 -2.50 -16.11
CA ALA B 291 25.73 -2.04 -14.87
C ALA B 291 26.70 -3.05 -14.26
N ASN B 292 27.11 -4.04 -15.02
CA ASN B 292 27.88 -5.17 -14.56
C ASN B 292 29.35 -5.01 -14.97
N LYS B 293 30.23 -4.77 -13.97
CA LYS B 293 31.67 -4.61 -14.27
C LYS B 293 32.30 -5.89 -14.81
N ALA B 294 31.90 -7.02 -14.27
CA ALA B 294 32.45 -8.27 -14.76
C ALA B 294 32.08 -8.54 -16.22
N ALA B 295 30.92 -8.09 -16.68
CA ALA B 295 30.50 -8.37 -18.05
C ALA B 295 31.22 -7.56 -19.12
N THR B 296 31.85 -6.46 -18.73
CA THR B 296 32.40 -5.57 -19.75
C THR B 296 33.24 -6.23 -20.81
N PRO B 297 34.23 -7.04 -20.49
CA PRO B 297 35.06 -7.58 -21.57
C PRO B 297 34.31 -8.49 -22.51
N LEU B 298 33.12 -8.93 -22.16
CA LEU B 298 32.37 -9.77 -23.08
C LEU B 298 31.45 -8.97 -23.99
N VAL B 299 31.26 -7.68 -23.70
CA VAL B 299 30.43 -6.81 -24.53
C VAL B 299 31.17 -6.53 -25.84
N SER B 300 30.42 -6.55 -26.92
CA SER B 300 31.02 -6.34 -28.22
CA SER B 300 31.00 -6.33 -28.24
C SER B 300 31.72 -4.99 -28.29
N ALA B 301 32.83 -4.94 -29.01
CA ALA B 301 33.52 -3.65 -29.16
C ALA B 301 32.66 -2.61 -29.88
N GLU B 302 31.79 -3.03 -30.80
CA GLU B 302 30.98 -2.00 -31.46
C GLU B 302 30.07 -1.30 -30.46
N VAL B 303 29.65 -2.01 -29.39
CA VAL B 303 28.84 -1.41 -28.34
C VAL B 303 29.71 -0.57 -27.42
N ARG B 304 30.81 -1.15 -26.90
CA ARG B 304 31.67 -0.48 -25.95
C ARG B 304 32.34 0.77 -26.49
N GLU B 305 32.68 0.79 -27.76
CA GLU B 305 33.40 1.91 -28.35
C GLU B 305 32.49 2.98 -28.89
N ASN B 306 31.18 2.83 -28.72
CA ASN B 306 30.23 3.80 -29.21
C ASN B 306 30.03 4.86 -28.14
N PRO B 307 30.47 6.10 -28.35
CA PRO B 307 30.31 7.14 -27.32
C PRO B 307 28.90 7.63 -27.13
N GLY B 308 27.95 7.25 -27.98
CA GLY B 308 26.56 7.46 -27.66
C GLY B 308 25.91 6.39 -26.82
N ILE B 309 26.69 5.37 -26.44
CA ILE B 309 26.29 4.33 -25.52
C ILE B 309 27.06 4.44 -24.22
N TYR B 310 28.38 4.63 -24.32
CA TYR B 310 29.32 4.87 -23.22
C TYR B 310 29.97 6.23 -23.41
N PRO B 311 29.29 7.29 -23.03
CA PRO B 311 29.81 8.63 -23.33
C PRO B 311 31.01 8.97 -22.46
N PRO B 312 31.87 9.87 -22.91
CA PRO B 312 33.06 10.24 -22.14
C PRO B 312 32.71 11.22 -21.02
N ALA B 313 33.72 11.51 -20.17
CA ALA B 313 33.47 12.31 -18.97
C ALA B 313 32.87 13.68 -19.30
N ASP B 314 33.39 14.38 -20.32
CA ASP B 314 32.89 15.73 -20.62
C ASP B 314 31.42 15.70 -21.06
N VAL B 315 30.98 14.63 -21.69
CA VAL B 315 29.57 14.51 -22.03
C VAL B 315 28.74 14.12 -20.79
N ARG B 316 29.26 13.19 -19.98
CA ARG B 316 28.52 12.79 -18.80
C ARG B 316 28.29 13.98 -17.87
N ALA B 317 29.17 14.97 -17.90
CA ALA B 317 29.03 16.16 -17.06
C ALA B 317 27.86 17.04 -17.44
N LYS B 318 27.37 16.93 -18.67
CA LYS B 318 26.26 17.72 -19.15
C LYS B 318 24.94 17.03 -18.95
N LEU B 319 24.94 15.80 -18.42
CA LEU B 319 23.69 15.07 -18.27
C LEU B 319 22.99 15.44 -16.96
N PHE B 320 21.66 15.29 -16.96
CA PHE B 320 20.85 15.55 -15.78
C PHE B 320 19.96 14.36 -15.52
N THR B 321 19.38 14.32 -14.31
CA THR B 321 18.56 13.21 -13.88
C THR B 321 17.18 13.71 -13.44
N GLN B 322 16.22 12.82 -13.57
CA GLN B 322 14.84 13.16 -13.26
C GLN B 322 14.62 13.25 -11.75
N LYS B 323 13.95 14.30 -11.34
CA LYS B 323 13.43 14.46 -10.00
C LYS B 323 11.94 14.19 -9.95
N VAL B 324 11.46 13.72 -8.80
CA VAL B 324 10.04 13.45 -8.61
C VAL B 324 9.36 14.76 -8.21
N GLN B 325 8.39 15.23 -8.99
CA GLN B 325 7.67 16.46 -8.68
C GLN B 325 6.53 16.30 -7.68
N ASP B 326 6.27 17.41 -6.97
CA ASP B 326 5.14 17.51 -6.07
C ASP B 326 3.83 17.44 -6.84
N PRO B 327 2.73 17.17 -6.17
CA PRO B 327 1.45 16.93 -6.89
C PRO B 327 0.93 18.10 -7.71
N LYS B 328 1.25 19.34 -7.31
CA LYS B 328 0.79 20.50 -8.05
C LYS B 328 1.53 20.60 -9.39
N ILE B 329 2.86 20.46 -9.37
CA ILE B 329 3.61 20.41 -10.62
C ILE B 329 3.18 19.21 -11.47
N ASP B 330 2.99 18.06 -10.84
CA ASP B 330 2.49 16.91 -11.61
C ASP B 330 1.18 17.23 -12.32
N ARG B 331 0.24 17.89 -11.64
CA ARG B 331 -1.03 18.26 -12.28
C ARG B 331 -0.77 19.20 -13.45
N VAL B 332 0.03 20.25 -13.21
CA VAL B 332 0.31 21.29 -14.22
C VAL B 332 0.95 20.66 -15.45
N ARG B 333 1.98 19.83 -15.22
CA ARG B 333 2.70 19.17 -16.32
C ARG B 333 1.77 18.25 -17.08
N THR B 334 1.02 17.42 -16.36
CA THR B 334 0.17 16.43 -17.02
C THR B 334 -0.93 17.11 -17.82
N ARG B 335 -1.53 18.18 -17.30
CA ARG B 335 -2.52 18.91 -18.04
C ARG B 335 -1.92 19.52 -19.28
N ALA B 336 -0.71 20.06 -19.14
CA ALA B 336 -0.04 20.71 -20.28
C ALA B 336 0.26 19.68 -21.37
N TRP B 337 0.70 18.50 -20.98
CA TRP B 337 0.94 17.41 -21.91
C TRP B 337 -0.30 17.00 -22.67
N THR B 338 -1.43 16.87 -21.98
CA THR B 338 -2.68 16.55 -22.66
C THR B 338 -3.05 17.63 -23.68
N LYS B 339 -2.89 18.90 -23.30
CA LYS B 339 -3.15 20.02 -24.21
C LYS B 339 -2.29 19.93 -25.45
N VAL B 340 -1.00 19.63 -25.25
CA VAL B 340 -0.02 19.58 -26.33
C VAL B 340 -0.35 18.44 -27.29
N LYS B 341 -0.68 17.27 -26.74
CA LYS B 341 -0.90 16.11 -27.62
C LYS B 341 -2.15 16.30 -28.46
N SER B 342 -3.13 17.05 -27.97
N SER B 342 -3.12 17.04 -27.96
CA SER B 342 -4.33 17.34 -28.75
CA SER B 342 -4.34 17.35 -28.70
C SER B 342 -4.26 18.70 -29.44
C SER B 342 -4.27 18.71 -29.42
N GLY B 343 -3.08 19.31 -29.51
CA GLY B 343 -2.94 20.72 -29.91
C GLY B 343 -3.43 21.04 -31.32
N LYS B 344 -3.69 20.01 -32.14
CA LYS B 344 -4.08 20.16 -33.54
C LYS B 344 -5.59 20.26 -33.76
N LEU B 345 -6.42 19.87 -32.78
CA LEU B 345 -7.87 19.85 -32.98
C LEU B 345 -8.44 21.27 -33.03
N GLU B 346 -9.51 21.43 -33.82
CA GLU B 346 -10.20 22.70 -33.93
C GLU B 346 -11.21 22.87 -32.79
N HIS B 347 -11.32 24.10 -32.31
CA HIS B 347 -12.20 24.43 -31.18
C HIS B 347 -13.19 25.49 -31.63
N HIS B 348 -14.31 25.60 -30.88
CA HIS B 348 -15.44 26.42 -31.28
C HIS B 348 -15.89 27.36 -30.16
N HIS B 349 -15.03 27.59 -29.18
CA HIS B 349 -15.42 28.44 -28.04
C HIS B 349 -15.35 29.94 -28.34
#